data_1SR5
#
_entry.id   1SR5
#
_cell.length_a   90.040
_cell.length_b   90.700
_cell.length_c   159.900
_cell.angle_alpha   90.00
_cell.angle_beta   90.00
_cell.angle_gamma   90.00
#
_symmetry.space_group_name_H-M   'P 21 21 21'
#
loop_
_entity.id
_entity.type
_entity.pdbx_description
1 polymer Antithrombin-III
2 polymer Prothrombin
3 polymer Prothrombin
4 branched 4-deoxy-2,3,6-tri-O-methyl-alpha-D-xylo-hexopyranose-(1-4)-2,3,6-tri-O-methyl-beta-D-glucopyranose-(1-4)-2,3-di-O-methyl-6-O-sulfo-alpha-D-glucopyranose-(1-4)-(2R,3R,4S,5S,6S)-6-(dihydroxymethyl)-3,4-dimethoxytetrahydro-2H-pyran-2,5-diol-(1-4)-2,3,6-tri-O-sulfo-alpha-D-glucopyranose-(1-4)-(2R,3R,4S,5S,6R)-6-(dihydroxymethyl)-3,4-dimethoxytetrahydro-2H-pyran-2,5-diol-(1-4)-1,5-anhydro-3-O-methyl-2,6-di-O-sulfo-D-glucitol
5 non-polymer 2-acetamido-2-deoxy-beta-D-glucopyranose
6 non-polymer 2,3,4,6-tetra-O-sulfonato-alpha-D-glucopyranose
7 water water
#
loop_
_entity_poly.entity_id
_entity_poly.type
_entity_poly.pdbx_seq_one_letter_code
_entity_poly.pdbx_strand_id
1 'polypeptide(L)'
;HGSPVDICTAKPRDIPMNPMCIYRSPEKKATEDEGSEQKIPEATNRRVWELSKANSRFATTFYQHLADSKNDNDNIFLSP
LSISTAFAMTKLGACNDTLQQLMEVFKFDTISEKTSDQIHFFFAKLNCRLYRKANKSSKLVSANRLFGDKSLTFNETYQD
ISELVYGAKLQPLDFKENAEQSRAAINKWVSNKTEGRITDVIPSEAINELTVLVLVNTIYFKGLWKSKFSPENTRKELFY
KADGESCSASMMYQEGKFRYRRVAEGTQVLELPFKGDDITMVLILPKPEKSLAKVEKELTPEVLQEWLDELEEMMLVVHM
PRFRIEDGFSLKEQLQDMGLVDLFSPEKSKLPGIVAEGRDDLYVSDAFHKAFLEVNEEGSEAAASTAVVIAGRSLNPNRV
TFKANRPFLVFIREVPLNTIIFMGRVANPCVK
;
A
2 'polypeptide(L)' TFGSGEADCGLRPLFEKKSLEDKTERELLESYIDGR B
3 'polypeptide(L)'
;IVEGSDAEIGMSPWQVMLFRKSPQELLCGASLISDRWVLTAAHCLLYPPWDKNFTENDLLVRIGKHSRTRYERNIEKISM
LEKIYIHPRYNWRENLDRDIALMKLKKPVAFSDYIHPVCLPDRETAASLLQAGYKGRVTGWGNLKETWTANVGKGQPSVL
QVVNLPIVERPVCKDSTRIRITDNMFCAGYKPDEGKRGDACEGDSGGPFVMKSPFNNRWYQMGIVSWGEGCDRDGKYGFY
THVFRLKKWIQKVIDQFGE
;
C
#
loop_
_chem_comp.id
_chem_comp.type
_chem_comp.name
_chem_comp.formula
GU4 D-saccharide, alpha linking 2,3,4,6-tetra-O-sulfonato-alpha-D-glucopyranose 'C6 H12 O18 S4'
GU6 D-saccharide, alpha linking 2,3,6-tri-O-sulfo-alpha-D-glucopyranose 'C6 H12 O15 S3'
GU8 D-saccharide, beta linking 2,3,6-tri-O-methyl-beta-D-glucopyranose 'C9 H18 O6'
NAG D-saccharide, beta linking 2-acetamido-2-deoxy-beta-D-glucopyranose 'C8 H15 N O6'
U9D D-saccharide, alpha linking 4-deoxy-2,3,6-tri-O-methyl-alpha-D-xylo-hexopyranose 'C9 H18 O5'
U9G D-saccharide, alpha linking 2,3-di-O-methyl-6-O-sulfo-alpha-D-glucopyranose 'C8 H16 O9 S'
U9J L-saccharide, alpha linking (2R,3R,4S,5S,6R)-6-(dihydroxymethyl)-3,4-dimethoxytetrahydro-2H-pyran-2,5-diol 'C8 H16 O7'
U9M D-saccharide, alpha linking (2R,3R,4S,5S,6S)-6-(dihydroxymethyl)-3,4-dimethoxytetrahydro-2H-pyran-2,5-diol 'C8 H16 O7'
YYB D-saccharide 1,5-anhydro-3-O-methyl-2,6-di-O-sulfo-D-glucitol 'C7 H14 O11 S2'
#
# COMPACT_ATOMS: atom_id res chain seq x y z
N VAL A 5 8.57 40.34 -4.76
CA VAL A 5 7.12 40.01 -4.63
C VAL A 5 6.89 38.52 -4.43
N ASP A 6 5.89 38.17 -3.62
CA ASP A 6 5.56 36.78 -3.31
C ASP A 6 4.26 36.35 -4.00
N ILE A 7 4.38 35.47 -4.99
CA ILE A 7 3.23 35.01 -5.76
C ILE A 7 2.20 34.22 -4.96
N CYS A 8 2.65 33.35 -4.06
CA CYS A 8 1.70 32.56 -3.28
C CYS A 8 0.84 33.48 -2.42
N THR A 9 1.44 34.58 -1.95
CA THR A 9 0.73 35.55 -1.11
C THR A 9 0.45 36.80 -1.92
N ALA A 10 0.25 36.63 -3.22
CA ALA A 10 -0.03 37.75 -4.10
C ALA A 10 -1.50 37.76 -4.54
N LYS A 11 -1.94 38.90 -5.06
CA LYS A 11 -3.32 39.05 -5.51
C LYS A 11 -3.37 39.61 -6.93
N PRO A 12 -4.18 39.00 -7.81
CA PRO A 12 -4.33 39.43 -9.20
C PRO A 12 -4.27 40.95 -9.36
N ARG A 13 -4.96 41.66 -8.47
CA ARG A 13 -4.97 43.10 -8.50
C ARG A 13 -3.61 43.65 -8.10
N ASP A 14 -3.02 43.08 -7.06
CA ASP A 14 -1.72 43.49 -6.55
C ASP A 14 -0.60 43.55 -7.60
N ILE A 15 -0.67 42.74 -8.65
CA ILE A 15 0.38 42.76 -9.66
C ILE A 15 -0.17 42.86 -11.08
N PRO A 16 0.62 43.43 -12.01
CA PRO A 16 0.18 43.55 -13.40
C PRO A 16 -0.19 42.19 -14.00
N MET A 17 -1.43 42.12 -14.52
CA MET A 17 -1.94 40.86 -15.05
C MET A 17 -2.30 40.96 -16.55
N ASN A 18 -2.51 42.22 -17.03
CA ASN A 18 -3.05 42.41 -18.38
C ASN A 18 -2.21 41.67 -19.45
N PRO A 19 -2.87 40.76 -20.21
CA PRO A 19 -1.95 40.11 -21.12
C PRO A 19 -1.70 40.98 -22.36
N MET A 20 -2.65 40.87 -23.31
CA MET A 20 -2.54 41.62 -24.55
C MET A 20 -3.71 41.28 -25.47
N CYS A 21 -4.16 40.02 -25.36
CA CYS A 21 -5.35 39.60 -26.08
C CYS A 21 -6.35 38.91 -25.15
N ILE A 22 -7.50 38.55 -25.71
CA ILE A 22 -8.53 37.90 -24.92
C ILE A 22 -9.44 37.02 -25.78
N TYR A 23 -9.94 35.95 -25.18
CA TYR A 23 -10.83 35.01 -25.85
C TYR A 23 -12.12 34.91 -25.06
N ARG A 24 -13.20 34.49 -25.71
CA ARG A 24 -14.48 34.38 -25.03
C ARG A 24 -15.62 33.72 -25.80
N SER A 25 -15.39 32.52 -26.33
CA SER A 25 -16.43 31.81 -27.08
C SER A 25 -17.77 31.73 -26.34
N PRO A 26 -18.75 30.99 -26.90
CA PRO A 26 -20.07 30.84 -26.26
C PRO A 26 -20.08 29.77 -25.15
N GLN A 38 -18.91 18.65 -8.51
CA GLN A 38 -20.22 19.06 -8.01
C GLN A 38 -20.08 20.02 -6.82
N LYS A 39 -19.08 19.76 -5.96
CA LYS A 39 -18.80 20.57 -4.78
C LYS A 39 -17.37 21.13 -4.75
N ILE A 40 -17.12 22.04 -3.83
CA ILE A 40 -15.81 22.65 -3.70
C ILE A 40 -15.13 22.22 -2.40
N PRO A 41 -13.83 21.87 -2.48
CA PRO A 41 -13.03 21.44 -1.32
C PRO A 41 -12.69 22.59 -0.38
N GLU A 42 -12.83 22.37 0.93
CA GLU A 42 -12.55 23.37 1.94
C GLU A 42 -11.16 23.98 1.82
N ALA A 43 -11.02 25.22 2.30
CA ALA A 43 -9.73 25.91 2.24
C ALA A 43 -9.16 25.73 0.84
N THR A 44 -9.87 26.23 -0.15
CA THR A 44 -9.45 26.14 -1.54
C THR A 44 -10.07 27.26 -2.36
N ASN A 45 -9.26 27.88 -3.21
CA ASN A 45 -9.73 28.97 -4.07
C ASN A 45 -10.58 28.37 -5.19
N ARG A 46 -11.72 28.98 -5.48
CA ARG A 46 -12.59 28.43 -6.50
C ARG A 46 -11.96 28.46 -7.90
N ARG A 47 -11.20 29.49 -8.19
CA ARG A 47 -10.58 29.60 -9.51
C ARG A 47 -9.51 28.54 -9.68
N VAL A 48 -8.64 28.42 -8.69
CA VAL A 48 -7.57 27.43 -8.75
C VAL A 48 -8.20 26.08 -8.99
N TRP A 49 -9.36 25.88 -8.39
CA TRP A 49 -10.10 24.63 -8.54
C TRP A 49 -10.43 24.45 -10.02
N GLU A 50 -11.23 25.37 -10.55
CA GLU A 50 -11.66 25.36 -11.95
C GLU A 50 -10.52 25.08 -12.91
N LEU A 51 -9.37 25.71 -12.64
CA LEU A 51 -8.18 25.53 -13.46
C LEU A 51 -7.70 24.08 -13.40
N SER A 52 -7.57 23.54 -12.19
CA SER A 52 -7.12 22.16 -12.01
C SER A 52 -8.05 21.22 -12.74
N LYS A 53 -9.32 21.25 -12.34
CA LYS A 53 -10.34 20.40 -12.94
C LYS A 53 -10.11 20.40 -14.44
N ALA A 54 -9.57 21.51 -14.96
CA ALA A 54 -9.29 21.63 -16.38
C ALA A 54 -8.15 20.72 -16.76
N ASN A 55 -7.00 20.95 -16.17
CA ASN A 55 -5.82 20.13 -16.45
C ASN A 55 -6.10 18.62 -16.41
N SER A 56 -7.00 18.21 -15.52
CA SER A 56 -7.32 16.80 -15.44
C SER A 56 -8.10 16.40 -16.70
N ARG A 57 -8.79 17.36 -17.30
CA ARG A 57 -9.56 17.07 -18.51
C ARG A 57 -8.58 17.00 -19.66
N PHE A 58 -7.62 17.91 -19.67
CA PHE A 58 -6.60 17.92 -20.72
C PHE A 58 -5.76 16.65 -20.61
N ALA A 59 -5.32 16.36 -19.40
CA ALA A 59 -4.50 15.21 -19.10
C ALA A 59 -4.91 13.95 -19.82
N THR A 60 -6.03 13.36 -19.40
CA THR A 60 -6.51 12.12 -20.01
C THR A 60 -6.21 12.09 -21.51
N THR A 61 -6.91 12.94 -22.26
CA THR A 61 -6.75 13.03 -23.70
C THR A 61 -5.31 13.06 -24.17
N PHE A 62 -4.51 13.95 -23.60
CA PHE A 62 -3.11 14.02 -24.01
C PHE A 62 -2.39 12.72 -23.75
N TYR A 63 -2.74 12.04 -22.67
CA TYR A 63 -2.11 10.77 -22.38
C TYR A 63 -2.50 9.87 -23.54
N GLN A 64 -3.80 9.78 -23.79
CA GLN A 64 -4.36 8.96 -24.86
C GLN A 64 -3.53 8.97 -26.15
N HIS A 65 -3.43 10.14 -26.77
CA HIS A 65 -2.67 10.26 -28.00
C HIS A 65 -1.22 9.90 -27.77
N LEU A 66 -0.73 10.25 -26.59
CA LEU A 66 0.66 9.97 -26.26
C LEU A 66 0.94 8.47 -26.28
N ALA A 67 0.10 7.69 -25.59
CA ALA A 67 0.28 6.25 -25.53
C ALA A 67 0.06 5.58 -26.90
N ASP A 68 -0.72 6.26 -27.74
CA ASP A 68 -1.01 5.75 -29.09
C ASP A 68 0.26 5.83 -29.95
N SER A 69 1.17 6.70 -29.53
CA SER A 69 2.45 6.88 -30.21
C SER A 69 3.43 5.85 -29.65
N LYS A 70 3.87 6.10 -28.42
CA LYS A 70 4.80 5.21 -27.75
C LYS A 70 4.29 3.76 -27.83
N ASN A 71 5.21 2.84 -28.11
CA ASN A 71 4.91 1.42 -28.22
C ASN A 71 4.44 0.81 -26.91
N ASP A 72 3.44 -0.07 -26.99
CA ASP A 72 2.88 -0.72 -25.82
C ASP A 72 3.84 -1.09 -24.70
N ASN A 73 5.04 -1.52 -25.06
CA ASN A 73 6.02 -1.91 -24.05
C ASN A 73 6.82 -0.76 -23.49
N ASP A 74 6.74 0.40 -24.13
CA ASP A 74 7.45 1.57 -23.65
C ASP A 74 6.65 2.13 -22.45
N ASN A 75 7.21 2.08 -21.25
CA ASN A 75 6.48 2.62 -20.11
C ASN A 75 6.56 4.14 -20.18
N ILE A 76 5.50 4.80 -19.73
CA ILE A 76 5.38 6.25 -19.81
C ILE A 76 5.33 6.97 -18.48
N PHE A 77 5.73 8.24 -18.48
CA PHE A 77 5.63 9.07 -17.30
C PHE A 77 5.71 10.53 -17.69
N LEU A 78 4.66 11.29 -17.39
CA LEU A 78 4.59 12.71 -17.74
C LEU A 78 3.78 13.54 -16.75
N SER A 79 4.05 14.84 -16.74
CA SER A 79 3.34 15.76 -15.86
C SER A 79 2.44 16.69 -16.67
N PRO A 80 1.24 16.23 -17.02
CA PRO A 80 0.33 17.08 -17.80
C PRO A 80 0.21 18.49 -17.23
N LEU A 81 0.09 18.60 -15.91
CA LEU A 81 -0.03 19.92 -15.31
C LEU A 81 1.18 20.75 -15.69
N SER A 82 2.37 20.17 -15.53
CA SER A 82 3.59 20.88 -15.88
C SER A 82 3.52 21.44 -17.30
N ILE A 83 2.85 20.72 -18.19
CA ILE A 83 2.68 21.17 -19.58
C ILE A 83 1.73 22.36 -19.59
N SER A 84 0.48 22.11 -19.19
CA SER A 84 -0.57 23.12 -19.14
C SER A 84 -0.03 24.47 -18.71
N THR A 85 0.52 24.53 -17.50
CA THR A 85 1.06 25.78 -17.01
C THR A 85 1.93 26.45 -18.07
N ALA A 86 2.80 25.67 -18.70
CA ALA A 86 3.70 26.18 -19.73
C ALA A 86 2.99 26.75 -20.96
N PHE A 87 2.04 26.03 -21.53
CA PHE A 87 1.36 26.58 -22.68
C PHE A 87 0.47 27.71 -22.26
N ALA A 88 0.32 27.84 -20.94
CA ALA A 88 -0.47 28.93 -20.38
C ALA A 88 0.42 30.15 -20.47
N MET A 89 1.72 29.91 -20.60
CA MET A 89 2.67 31.01 -20.73
C MET A 89 2.69 31.56 -22.14
N THR A 90 2.38 30.73 -23.14
CA THR A 90 2.35 31.24 -24.50
C THR A 90 1.01 31.95 -24.69
N LYS A 91 -0.03 31.45 -24.02
CA LYS A 91 -1.35 32.05 -24.11
C LYS A 91 -1.28 33.53 -23.71
N LEU A 92 -0.35 33.85 -22.82
CA LEU A 92 -0.17 35.23 -22.37
C LEU A 92 0.07 36.08 -23.61
N GLY A 93 0.64 35.46 -24.63
CA GLY A 93 0.88 36.15 -25.88
C GLY A 93 0.46 34.99 -26.76
N ALA A 94 -0.69 35.16 -27.42
CA ALA A 94 -1.30 34.18 -28.33
C ALA A 94 -2.54 35.05 -28.56
N CYS A 95 -2.92 35.18 -29.83
CA CYS A 95 -3.99 36.10 -30.24
C CYS A 95 -5.23 35.45 -30.88
N ASN A 96 -5.61 35.92 -32.09
CA ASN A 96 -6.96 35.62 -32.59
C ASN A 96 -7.22 34.11 -32.77
N ASP A 97 -6.59 33.53 -33.81
CA ASP A 97 -6.74 32.08 -34.01
C ASP A 97 -5.82 31.26 -33.10
N THR A 98 -4.51 31.61 -33.11
CA THR A 98 -3.55 30.86 -32.30
C THR A 98 -4.15 30.67 -30.91
N LEU A 99 -4.76 31.78 -30.44
CA LEU A 99 -5.42 31.77 -29.14
C LEU A 99 -6.67 30.87 -29.08
N GLN A 100 -7.58 31.02 -30.04
CA GLN A 100 -8.80 30.21 -30.08
C GLN A 100 -8.48 28.71 -30.04
N GLN A 101 -7.19 28.39 -30.17
CA GLN A 101 -6.75 27.01 -30.15
C GLN A 101 -6.27 26.63 -28.77
N LEU A 102 -5.23 27.28 -28.29
CA LEU A 102 -4.72 26.99 -26.96
C LEU A 102 -5.90 26.79 -26.02
N MET A 103 -6.85 27.72 -26.09
CA MET A 103 -8.04 27.67 -25.24
C MET A 103 -8.96 26.50 -25.55
N GLU A 104 -8.95 26.08 -26.81
CA GLU A 104 -9.80 24.97 -27.23
C GLU A 104 -9.17 23.62 -26.91
N VAL A 105 -7.85 23.52 -27.12
CA VAL A 105 -7.11 22.29 -26.89
C VAL A 105 -6.87 21.96 -25.43
N PHE A 106 -6.37 22.94 -24.68
CA PHE A 106 -6.08 22.73 -23.27
C PHE A 106 -7.29 22.82 -22.37
N LYS A 107 -8.47 22.69 -22.97
CA LYS A 107 -9.72 22.74 -22.24
C LYS A 107 -9.93 23.98 -21.35
N PHE A 108 -9.27 25.09 -21.67
CA PHE A 108 -9.45 26.32 -20.89
C PHE A 108 -10.71 27.02 -21.40
N ASP A 109 -11.16 26.61 -22.57
CA ASP A 109 -12.34 27.18 -23.21
C ASP A 109 -13.64 27.03 -22.41
N THR A 110 -13.54 26.56 -21.17
CA THR A 110 -14.74 26.37 -20.35
C THR A 110 -14.65 27.08 -19.01
N ILE A 111 -13.45 27.55 -18.67
CA ILE A 111 -13.23 28.20 -17.40
C ILE A 111 -13.85 29.59 -17.23
N SER A 112 -13.66 30.14 -16.03
CA SER A 112 -14.16 31.45 -15.63
C SER A 112 -13.50 32.57 -16.44
N GLU A 113 -14.15 33.73 -16.49
CA GLU A 113 -13.59 34.87 -17.23
C GLU A 113 -12.32 35.39 -16.57
N LYS A 114 -12.44 35.89 -15.34
CA LYS A 114 -11.29 36.41 -14.61
C LYS A 114 -10.21 35.34 -14.56
N THR A 115 -10.64 34.09 -14.44
CA THR A 115 -9.68 33.00 -14.40
C THR A 115 -8.91 32.93 -15.72
N SER A 116 -9.64 32.98 -16.85
CA SER A 116 -8.97 32.92 -18.16
C SER A 116 -7.89 33.97 -18.30
N ASP A 117 -8.31 35.23 -18.33
CA ASP A 117 -7.40 36.36 -18.46
C ASP A 117 -6.15 36.28 -17.57
N GLN A 118 -6.28 35.60 -16.43
CA GLN A 118 -5.16 35.47 -15.50
C GLN A 118 -4.74 34.02 -15.32
N ILE A 119 -5.23 33.18 -16.23
CA ILE A 119 -4.93 31.76 -16.19
C ILE A 119 -3.52 31.53 -15.67
N HIS A 120 -2.53 32.13 -16.32
CA HIS A 120 -1.15 31.97 -15.88
C HIS A 120 -1.08 32.18 -14.38
N PHE A 121 -1.53 33.34 -13.93
CA PHE A 121 -1.48 33.65 -12.51
C PHE A 121 -1.90 32.45 -11.68
N PHE A 122 -3.16 32.07 -11.82
CA PHE A 122 -3.70 30.95 -11.08
C PHE A 122 -2.87 29.67 -11.16
N PHE A 123 -2.20 29.44 -12.27
CA PHE A 123 -1.38 28.25 -12.37
C PHE A 123 -0.26 28.41 -11.36
N ALA A 124 0.19 29.65 -11.19
CA ALA A 124 1.24 29.95 -10.23
C ALA A 124 0.70 29.69 -8.84
N LYS A 125 -0.55 30.11 -8.60
CA LYS A 125 -1.17 29.91 -7.30
C LYS A 125 -1.51 28.44 -7.12
N LEU A 126 -1.77 27.76 -8.23
CA LEU A 126 -2.09 26.34 -8.18
C LEU A 126 -0.82 25.58 -7.83
N ASN A 127 0.24 25.81 -8.59
CA ASN A 127 1.50 25.13 -8.32
C ASN A 127 2.00 25.50 -6.94
N CYS A 128 1.93 26.79 -6.61
CA CYS A 128 2.35 27.27 -5.28
C CYS A 128 1.82 26.28 -4.27
N ARG A 129 0.56 25.91 -4.43
CA ARG A 129 -0.10 24.97 -3.56
C ARG A 129 0.44 23.56 -3.68
N LEU A 130 0.60 23.07 -4.91
CA LEU A 130 1.10 21.72 -5.12
C LEU A 130 2.55 21.51 -4.68
N TYR A 131 3.46 22.36 -5.14
CA TYR A 131 4.86 22.20 -4.74
C TYR A 131 5.03 22.33 -3.23
N ARG A 132 3.99 22.76 -2.55
CA ARG A 132 4.08 22.87 -1.10
C ARG A 132 3.73 21.52 -0.51
N LYS A 133 2.55 21.01 -0.85
CA LYS A 133 2.09 19.70 -0.36
C LYS A 133 3.06 18.58 -0.78
N ALA A 134 3.60 18.69 -2.00
CA ALA A 134 4.51 17.70 -2.55
C ALA A 134 5.91 17.70 -1.99
N ASN A 135 6.31 18.78 -1.32
CA ASN A 135 7.65 18.89 -0.75
C ASN A 135 7.77 18.77 0.77
N LYS A 136 6.66 18.91 1.48
CA LYS A 136 6.69 18.77 2.94
C LYS A 136 7.20 17.35 3.25
N SER A 137 6.97 16.45 2.31
CA SER A 137 7.36 15.06 2.46
C SER A 137 8.43 14.64 1.47
N SER A 138 8.01 14.40 0.23
CA SER A 138 8.90 13.94 -0.84
C SER A 138 9.71 14.98 -1.61
N LYS A 139 10.58 14.49 -2.49
CA LYS A 139 11.46 15.35 -3.29
C LYS A 139 10.83 15.71 -4.63
N LEU A 140 10.37 16.95 -4.71
CA LEU A 140 9.78 17.46 -5.93
C LEU A 140 10.77 18.49 -6.42
N VAL A 141 10.90 18.58 -7.73
CA VAL A 141 11.84 19.54 -8.29
C VAL A 141 11.66 19.56 -9.78
N SER A 142 11.52 20.77 -10.33
CA SER A 142 11.29 20.94 -11.75
C SER A 142 11.95 22.20 -12.26
N ALA A 143 12.21 22.22 -13.55
CA ALA A 143 12.84 23.36 -14.18
C ALA A 143 12.06 23.71 -15.43
N ASN A 144 11.34 24.82 -15.39
CA ASN A 144 10.57 25.23 -16.55
C ASN A 144 11.04 26.59 -17.05
N ARG A 145 11.20 26.72 -18.37
CA ARG A 145 11.61 27.99 -18.98
C ARG A 145 11.36 28.05 -20.47
N LEU A 146 11.21 29.27 -20.99
CA LEU A 146 10.98 29.52 -22.41
C LEU A 146 12.22 30.09 -23.08
N PHE A 147 12.48 29.68 -24.32
CA PHE A 147 13.66 30.16 -25.05
C PHE A 147 13.41 30.69 -26.47
N GLY A 148 14.12 31.76 -26.80
CA GLY A 148 14.01 32.40 -28.11
C GLY A 148 15.36 32.96 -28.53
N ASP A 149 15.50 33.38 -29.79
CA ASP A 149 16.78 33.92 -30.29
C ASP A 149 17.09 35.36 -29.88
N LYS A 150 18.35 35.61 -29.54
CA LYS A 150 18.83 36.94 -29.14
C LYS A 150 18.61 37.90 -30.29
N SER A 151 18.42 37.33 -31.48
CA SER A 151 18.17 38.06 -32.70
C SER A 151 16.72 38.56 -32.69
N LEU A 152 16.30 39.06 -31.54
CA LEU A 152 14.95 39.56 -31.34
C LEU A 152 14.84 40.28 -30.00
N THR A 153 13.71 40.96 -29.81
CA THR A 153 13.41 41.68 -28.57
C THR A 153 11.97 41.34 -28.15
N PHE A 154 11.82 40.93 -26.87
CA PHE A 154 10.54 40.38 -26.41
C PHE A 154 9.70 41.44 -25.68
N ASN A 155 8.42 41.10 -25.42
CA ASN A 155 7.50 42.09 -24.87
C ASN A 155 8.17 42.88 -23.75
N GLU A 156 8.81 42.13 -22.83
CA GLU A 156 9.56 42.80 -21.77
C GLU A 156 8.62 43.27 -20.64
N THR A 157 7.34 43.01 -20.88
CA THR A 157 6.34 43.13 -19.84
C THR A 157 6.05 41.65 -19.59
N TYR A 158 5.99 40.92 -20.70
CA TYR A 158 5.78 39.49 -20.70
C TYR A 158 7.02 38.93 -20.00
N GLN A 159 8.18 39.28 -20.53
CA GLN A 159 9.43 38.82 -19.96
C GLN A 159 9.59 39.36 -18.53
N ASP A 160 8.59 40.10 -18.05
CA ASP A 160 8.64 40.63 -16.70
C ASP A 160 7.60 39.93 -15.83
N ILE A 161 6.56 39.40 -16.47
CA ILE A 161 5.52 38.66 -15.76
C ILE A 161 6.11 37.27 -15.50
N SER A 162 6.75 36.69 -16.50
CA SER A 162 7.37 35.38 -16.35
C SER A 162 8.21 35.40 -15.10
N GLU A 163 8.87 36.54 -14.86
CA GLU A 163 9.70 36.72 -13.69
C GLU A 163 8.93 36.38 -12.41
N LEU A 164 7.64 36.71 -12.38
CA LEU A 164 6.80 36.46 -11.21
C LEU A 164 5.90 35.22 -11.32
N VAL A 165 5.12 35.13 -12.40
CA VAL A 165 4.20 34.01 -12.59
C VAL A 165 4.80 32.70 -13.13
N TYR A 166 6.07 32.70 -13.53
CA TYR A 166 6.67 31.47 -14.05
C TYR A 166 8.13 31.27 -13.62
N GLY A 167 8.50 31.91 -12.50
CA GLY A 167 9.84 31.76 -11.97
C GLY A 167 11.00 32.40 -12.73
N ALA A 168 10.92 32.40 -14.05
CA ALA A 168 12.01 32.97 -14.85
C ALA A 168 11.56 33.69 -16.12
N LYS A 169 12.20 34.82 -16.38
CA LYS A 169 11.91 35.63 -17.56
C LYS A 169 12.37 34.85 -18.79
N LEU A 170 11.70 35.05 -19.93
CA LEU A 170 12.09 34.33 -21.13
C LEU A 170 13.59 34.49 -21.35
N GLN A 171 14.19 33.55 -22.07
CA GLN A 171 15.62 33.61 -22.29
C GLN A 171 16.06 33.55 -23.75
N PRO A 172 16.83 34.56 -24.18
CA PRO A 172 17.35 34.68 -25.54
C PRO A 172 18.66 33.90 -25.73
N LEU A 173 18.71 33.13 -26.82
CA LEU A 173 19.88 32.32 -27.16
C LEU A 173 20.10 32.39 -28.68
N ASP A 174 21.35 32.46 -29.11
CA ASP A 174 21.64 32.54 -30.55
C ASP A 174 21.17 31.28 -31.28
N PHE A 175 19.99 31.40 -31.94
CA PHE A 175 19.47 30.28 -32.73
C PHE A 175 19.75 30.49 -34.22
N LYS A 176 19.81 31.79 -34.61
CA LYS A 176 19.96 32.14 -36.02
C LYS A 176 21.31 31.68 -36.61
N GLU A 177 22.40 32.38 -36.24
CA GLU A 177 23.72 32.06 -36.80
C GLU A 177 24.12 30.62 -36.45
N ASN A 178 24.27 30.37 -35.14
CA ASN A 178 24.55 29.00 -34.71
C ASN A 178 23.44 28.51 -33.78
N ALA A 179 23.47 27.23 -33.45
CA ALA A 179 22.47 26.61 -32.57
C ALA A 179 23.02 25.33 -31.99
N GLU A 180 24.20 25.43 -31.39
CA GLU A 180 24.85 24.28 -30.77
C GLU A 180 25.14 24.65 -29.33
N GLN A 181 25.81 25.78 -29.14
CA GLN A 181 26.14 26.23 -27.80
C GLN A 181 24.84 26.53 -27.07
N SER A 182 23.77 26.69 -27.85
CA SER A 182 22.45 26.98 -27.31
C SER A 182 21.69 25.72 -26.93
N ARG A 183 21.44 24.84 -27.91
CA ARG A 183 20.74 23.58 -27.65
C ARG A 183 21.41 22.76 -26.55
N ALA A 184 22.47 23.35 -25.96
CA ALA A 184 23.17 22.67 -24.88
C ALA A 184 23.41 23.59 -23.68
N ALA A 185 23.23 24.91 -23.95
CA ALA A 185 23.22 25.90 -22.88
C ALA A 185 21.97 25.72 -22.02
N ILE A 186 20.96 25.08 -22.63
CA ILE A 186 19.69 24.77 -22.00
C ILE A 186 19.89 23.49 -21.20
N ASN A 187 20.34 22.45 -21.90
CA ASN A 187 20.60 21.16 -21.28
C ASN A 187 21.62 21.36 -20.17
N LYS A 188 22.23 22.53 -20.16
CA LYS A 188 23.20 22.90 -19.14
C LYS A 188 22.39 23.46 -17.98
N TRP A 189 21.50 24.39 -18.31
CA TRP A 189 20.64 25.04 -17.32
C TRP A 189 19.82 23.98 -16.56
N VAL A 190 18.88 23.36 -17.26
CA VAL A 190 18.03 22.34 -16.66
C VAL A 190 18.85 21.48 -15.70
N SER A 191 19.95 20.93 -16.20
CA SER A 191 20.83 20.11 -15.37
C SER A 191 21.13 20.83 -14.07
N ASN A 192 21.66 22.04 -14.18
CA ASN A 192 22.01 22.84 -13.01
C ASN A 192 20.81 22.95 -12.08
N LYS A 193 19.68 23.41 -12.62
CA LYS A 193 18.48 23.59 -11.84
C LYS A 193 17.95 22.28 -11.20
N THR A 194 17.76 21.23 -12.04
CA THR A 194 17.17 20.00 -11.51
C THR A 194 18.27 19.14 -10.86
N GLU A 195 19.13 19.82 -10.09
CA GLU A 195 20.19 19.15 -9.32
C GLU A 195 20.86 18.01 -10.10
N GLY A 196 20.80 18.10 -11.45
CA GLY A 196 21.51 17.11 -12.28
C GLY A 196 20.65 15.91 -12.62
N ARG A 197 19.51 15.77 -11.95
CA ARG A 197 18.62 14.66 -12.20
C ARG A 197 18.05 14.64 -13.61
N ILE A 198 18.08 15.80 -14.28
CA ILE A 198 17.58 15.88 -15.65
C ILE A 198 18.68 16.34 -16.60
N THR A 199 18.86 15.59 -17.68
CA THR A 199 19.87 15.91 -18.69
C THR A 199 19.27 15.65 -20.06
N ASP A 200 20.02 16.00 -21.10
CA ASP A 200 19.56 15.82 -22.49
C ASP A 200 18.07 16.11 -22.67
N VAL A 201 17.62 17.20 -22.04
CA VAL A 201 16.22 17.63 -22.10
C VAL A 201 15.81 17.81 -23.55
N ILE A 202 16.75 18.39 -24.30
CA ILE A 202 16.57 18.66 -25.70
C ILE A 202 17.59 17.83 -26.48
N PRO A 203 17.11 16.85 -27.26
CA PRO A 203 18.02 15.99 -28.03
C PRO A 203 18.88 16.83 -28.96
N SER A 204 20.08 16.34 -29.24
CA SER A 204 21.00 17.05 -30.14
C SER A 204 20.46 16.97 -31.56
N GLU A 205 20.67 18.04 -32.33
CA GLU A 205 20.18 18.11 -33.71
C GLU A 205 18.65 18.20 -33.78
N ALA A 206 18.09 19.02 -32.89
CA ALA A 206 16.64 19.23 -32.84
C ALA A 206 16.37 20.72 -32.72
N ILE A 207 17.35 21.45 -32.19
CA ILE A 207 17.25 22.90 -32.02
C ILE A 207 18.29 23.55 -32.94
N ASN A 208 17.97 23.61 -34.24
CA ASN A 208 18.87 24.19 -35.25
C ASN A 208 18.77 25.72 -35.46
N GLU A 209 19.34 26.19 -36.57
CA GLU A 209 19.34 27.61 -36.91
C GLU A 209 17.95 28.19 -37.16
N LEU A 210 17.01 27.34 -37.56
CA LEU A 210 15.64 27.74 -37.87
C LEU A 210 14.68 27.68 -36.65
N THR A 211 15.14 27.03 -35.58
CA THR A 211 14.34 26.94 -34.37
C THR A 211 14.30 28.36 -33.80
N VAL A 212 13.10 28.96 -33.75
CA VAL A 212 12.96 30.32 -33.25
C VAL A 212 12.50 30.44 -31.79
N LEU A 213 11.55 29.58 -31.40
CA LEU A 213 11.01 29.56 -30.05
C LEU A 213 10.80 28.15 -29.52
N VAL A 214 11.23 27.92 -28.28
CA VAL A 214 11.10 26.60 -27.66
C VAL A 214 10.68 26.59 -26.19
N LEU A 215 9.71 25.73 -25.88
CA LEU A 215 9.21 25.57 -24.53
C LEU A 215 9.96 24.42 -23.87
N VAL A 216 10.49 24.67 -22.68
CA VAL A 216 11.22 23.63 -21.95
C VAL A 216 10.66 23.47 -20.54
N ASN A 217 10.15 22.28 -20.27
CA ASN A 217 9.56 21.99 -18.98
C ASN A 217 9.89 20.56 -18.53
N THR A 218 10.74 20.48 -17.52
CA THR A 218 11.16 19.22 -16.97
C THR A 218 10.49 19.06 -15.60
N ILE A 219 10.90 18.01 -14.90
CA ILE A 219 10.41 17.72 -13.57
C ILE A 219 10.90 16.37 -13.11
N TYR A 220 11.08 16.25 -11.81
CA TYR A 220 11.54 15.03 -11.19
C TYR A 220 10.77 14.85 -9.90
N PHE A 221 10.29 13.64 -9.65
CA PHE A 221 9.54 13.35 -8.43
C PHE A 221 9.78 11.97 -7.84
N LYS A 222 10.20 11.94 -6.58
CA LYS A 222 10.42 10.70 -5.89
C LYS A 222 9.56 10.69 -4.63
N GLY A 223 8.38 10.08 -4.72
CA GLY A 223 7.50 10.03 -3.58
C GLY A 223 8.03 9.23 -2.40
N LEU A 224 7.85 9.77 -1.20
CA LEU A 224 8.29 9.09 0.00
C LEU A 224 7.03 8.48 0.55
N TRP A 225 6.86 7.17 0.36
CA TRP A 225 5.68 6.42 0.81
C TRP A 225 5.20 6.76 2.20
N LYS A 226 3.96 6.42 2.52
CA LYS A 226 3.43 6.68 3.85
C LYS A 226 3.64 5.41 4.70
N SER A 227 3.59 4.26 3.99
CA SER A 227 4.03 2.98 4.54
C SER A 227 5.43 2.64 4.03
N LYS A 228 6.40 2.75 4.94
CA LYS A 228 7.79 2.56 4.53
C LYS A 228 8.04 1.14 4.04
N PHE A 229 8.13 1.02 2.70
CA PHE A 229 8.34 -0.31 2.11
C PHE A 229 9.52 -1.02 2.77
N SER A 230 9.62 -2.24 3.32
CA SER A 230 10.85 -2.56 4.10
C SER A 230 11.69 -3.54 3.26
N PRO A 231 13.00 -3.21 3.09
CA PRO A 231 13.85 -3.86 2.06
C PRO A 231 13.86 -5.37 2.20
N GLU A 232 14.00 -5.86 3.42
CA GLU A 232 14.07 -7.29 3.67
C GLU A 232 13.05 -8.14 2.92
N ASN A 233 11.96 -7.52 2.47
CA ASN A 233 10.93 -8.28 1.76
C ASN A 233 10.93 -8.13 0.25
N THR A 234 11.81 -7.28 -0.26
CA THR A 234 11.92 -7.04 -1.69
C THR A 234 12.70 -8.19 -2.31
N ARG A 235 12.22 -8.66 -3.47
CA ARG A 235 12.85 -9.79 -4.14
C ARG A 235 12.52 -9.79 -5.62
N LYS A 236 13.24 -10.59 -6.39
CA LYS A 236 13.00 -10.66 -7.83
C LYS A 236 11.79 -11.51 -8.14
N GLU A 237 11.12 -11.16 -9.23
CA GLU A 237 9.95 -11.89 -9.68
C GLU A 237 9.84 -11.67 -11.16
N LEU A 238 8.98 -12.43 -11.81
CA LEU A 238 8.79 -12.28 -13.25
C LEU A 238 7.75 -11.20 -13.50
N PHE A 239 8.01 -10.39 -14.53
CA PHE A 239 7.09 -9.34 -14.93
C PHE A 239 6.60 -9.77 -16.30
N TYR A 240 5.30 -9.70 -16.52
CA TYR A 240 4.74 -10.14 -17.77
C TYR A 240 4.34 -9.00 -18.68
N LYS A 241 5.22 -8.66 -19.62
CA LYS A 241 4.97 -7.58 -20.55
C LYS A 241 3.78 -7.85 -21.43
N ALA A 242 3.62 -6.98 -22.43
CA ALA A 242 2.53 -7.07 -23.40
C ALA A 242 2.71 -8.28 -24.32
N ASP A 243 3.89 -8.39 -24.91
CA ASP A 243 4.20 -9.49 -25.83
C ASP A 243 4.41 -10.82 -25.09
N GLY A 244 3.67 -11.00 -24.00
CA GLY A 244 3.74 -12.23 -23.23
C GLY A 244 5.07 -12.62 -22.59
N GLU A 245 6.18 -12.12 -23.13
CA GLU A 245 7.50 -12.44 -22.60
C GLU A 245 7.66 -12.13 -21.10
N SER A 246 8.46 -12.94 -20.41
CA SER A 246 8.72 -12.77 -18.98
C SER A 246 9.77 -11.69 -18.80
N CYS A 247 10.25 -11.50 -17.57
CA CYS A 247 11.25 -10.47 -17.33
C CYS A 247 11.57 -10.33 -15.85
N SER A 248 12.84 -10.30 -15.50
CA SER A 248 13.24 -10.19 -14.09
C SER A 248 13.15 -8.76 -13.53
N ALA A 249 12.27 -8.55 -12.56
CA ALA A 249 12.11 -7.21 -11.96
C ALA A 249 12.37 -7.23 -10.47
N SER A 250 12.65 -6.07 -9.89
CA SER A 250 12.89 -5.98 -8.44
C SER A 250 11.50 -5.69 -7.88
N MET A 251 10.92 -6.65 -7.15
CA MET A 251 9.56 -6.51 -6.63
C MET A 251 9.40 -6.18 -5.16
N MET A 252 8.78 -5.05 -4.86
CA MET A 252 8.57 -4.65 -3.46
C MET A 252 7.33 -5.35 -2.91
N TYR A 253 7.19 -5.37 -1.59
CA TYR A 253 6.07 -6.06 -0.99
C TYR A 253 5.76 -5.62 0.44
N GLN A 254 4.47 -5.60 0.76
CA GLN A 254 4.03 -5.26 2.10
C GLN A 254 2.56 -5.56 2.28
N GLU A 255 2.19 -5.88 3.50
CA GLU A 255 0.81 -6.15 3.85
C GLU A 255 0.35 -4.87 4.51
N GLY A 256 -0.93 -4.52 4.34
CA GLY A 256 -1.41 -3.31 4.95
C GLY A 256 -2.80 -2.88 4.53
N LYS A 257 -3.26 -1.81 5.18
CA LYS A 257 -4.57 -1.27 4.90
C LYS A 257 -4.46 -0.11 3.93
N PHE A 258 -4.98 -0.32 2.73
CA PHE A 258 -4.95 0.72 1.70
C PHE A 258 -6.31 0.91 1.04
N ARG A 259 -6.62 2.11 0.58
CA ARG A 259 -7.91 2.30 -0.08
C ARG A 259 -7.82 1.59 -1.41
N TYR A 260 -8.67 0.61 -1.63
CA TYR A 260 -8.64 -0.15 -2.86
C TYR A 260 -10.04 -0.52 -3.32
N ARG A 261 -10.16 -0.83 -4.60
CA ARG A 261 -11.44 -1.22 -5.15
C ARG A 261 -11.26 -2.08 -6.38
N ARG A 262 -12.16 -3.04 -6.54
CA ARG A 262 -12.12 -3.95 -7.68
C ARG A 262 -13.31 -3.56 -8.56
N VAL A 263 -13.11 -2.51 -9.34
CA VAL A 263 -14.16 -2.01 -10.22
C VAL A 263 -14.57 -2.93 -11.37
N ALA A 264 -15.46 -2.41 -12.19
CA ALA A 264 -15.97 -3.11 -13.34
C ALA A 264 -14.86 -3.67 -14.21
N GLU A 265 -15.23 -4.62 -15.07
CA GLU A 265 -14.30 -5.27 -15.99
C GLU A 265 -13.20 -5.99 -15.23
N GLY A 266 -13.37 -6.08 -13.91
CA GLY A 266 -12.40 -6.76 -13.08
C GLY A 266 -10.96 -6.26 -13.07
N THR A 267 -10.77 -4.94 -13.14
CA THR A 267 -9.42 -4.38 -13.10
C THR A 267 -9.29 -3.80 -11.69
N GLN A 268 -8.10 -3.82 -11.13
CA GLN A 268 -7.92 -3.33 -9.77
C GLN A 268 -7.45 -1.89 -9.70
N VAL A 269 -7.99 -1.17 -8.74
CA VAL A 269 -7.59 0.21 -8.53
C VAL A 269 -7.05 0.30 -7.13
N LEU A 270 -5.80 0.69 -7.00
CA LEU A 270 -5.18 0.79 -5.69
C LEU A 270 -4.57 2.15 -5.48
N GLU A 271 -4.68 2.67 -4.26
CA GLU A 271 -4.11 3.97 -3.97
C GLU A 271 -3.13 3.95 -2.80
N LEU A 272 -1.86 4.16 -3.12
CA LEU A 272 -0.82 4.20 -2.12
C LEU A 272 -0.57 5.67 -1.89
N PRO A 273 -0.76 6.15 -0.67
CA PRO A 273 -0.54 7.56 -0.36
C PRO A 273 0.89 7.75 0.10
N PHE A 274 1.39 8.97 -0.01
CA PHE A 274 2.74 9.32 0.44
C PHE A 274 2.62 9.98 1.84
N LYS A 275 3.72 10.13 2.56
CA LYS A 275 3.66 10.74 3.91
C LYS A 275 3.03 12.11 3.86
N GLY A 276 1.79 12.23 4.36
CA GLY A 276 1.10 13.51 4.35
C GLY A 276 -0.35 13.38 3.94
N ASP A 277 -0.63 12.41 3.06
CA ASP A 277 -1.99 12.15 2.56
C ASP A 277 -2.49 13.20 1.58
N ASP A 278 -1.76 14.31 1.51
CA ASP A 278 -2.10 15.39 0.59
C ASP A 278 -1.79 14.94 -0.81
N ILE A 279 -0.94 13.92 -0.92
CA ILE A 279 -0.57 13.41 -2.22
C ILE A 279 -0.47 11.91 -2.23
N THR A 280 -1.25 11.29 -3.09
CA THR A 280 -1.22 9.84 -3.18
C THR A 280 -0.70 9.45 -4.54
N MET A 281 -0.73 8.16 -4.81
CA MET A 281 -0.33 7.61 -6.10
C MET A 281 -1.30 6.51 -6.42
N VAL A 282 -2.10 6.70 -7.46
CA VAL A 282 -3.08 5.70 -7.86
C VAL A 282 -2.55 4.75 -8.91
N LEU A 283 -2.74 3.46 -8.67
CA LEU A 283 -2.29 2.42 -9.57
C LEU A 283 -3.45 1.66 -10.17
N ILE A 284 -3.52 1.65 -11.50
CA ILE A 284 -4.58 0.91 -12.19
C ILE A 284 -3.98 -0.37 -12.76
N LEU A 285 -4.33 -1.49 -12.13
CA LEU A 285 -3.83 -2.79 -12.54
C LEU A 285 -4.96 -3.56 -13.19
N PRO A 286 -4.96 -3.57 -14.52
CA PRO A 286 -5.98 -4.26 -15.31
C PRO A 286 -5.94 -5.77 -15.10
N LYS A 287 -7.06 -6.42 -15.38
CA LYS A 287 -7.19 -7.88 -15.23
C LYS A 287 -6.08 -8.51 -16.08
N PRO A 288 -5.77 -9.80 -15.84
CA PRO A 288 -4.72 -10.44 -16.62
C PRO A 288 -4.98 -10.46 -18.13
N GLU A 289 -6.25 -10.62 -18.49
CA GLU A 289 -6.63 -10.66 -19.91
C GLU A 289 -6.78 -9.25 -20.50
N LYS A 290 -7.65 -8.44 -19.91
CA LYS A 290 -7.86 -7.07 -20.40
C LYS A 290 -6.52 -6.34 -20.47
N SER A 291 -5.97 -6.19 -21.68
CA SER A 291 -4.68 -5.51 -21.85
C SER A 291 -4.81 -4.04 -21.47
N LEU A 292 -3.73 -3.48 -20.90
CA LEU A 292 -3.73 -2.09 -20.49
C LEU A 292 -4.26 -1.26 -21.64
N ALA A 293 -3.71 -1.52 -22.83
CA ALA A 293 -4.10 -0.83 -24.06
C ALA A 293 -5.60 -0.53 -24.09
N LYS A 294 -6.39 -1.49 -23.60
CA LYS A 294 -7.83 -1.33 -23.56
C LYS A 294 -8.17 -0.17 -22.64
N VAL A 295 -7.82 -0.32 -21.35
CA VAL A 295 -8.09 0.73 -20.36
C VAL A 295 -7.52 2.08 -20.80
N GLU A 296 -6.35 2.02 -21.48
CA GLU A 296 -5.73 3.24 -22.02
C GLU A 296 -6.68 3.93 -23.03
N LYS A 297 -6.99 3.20 -24.13
CA LYS A 297 -7.84 3.77 -25.18
C LYS A 297 -9.30 3.71 -24.74
N GLU A 298 -9.51 4.15 -23.48
CA GLU A 298 -10.85 4.16 -22.90
C GLU A 298 -10.86 4.88 -21.56
N LEU A 299 -10.16 6.02 -21.53
CA LEU A 299 -10.07 6.78 -20.29
C LEU A 299 -10.83 8.10 -20.34
N THR A 300 -11.49 8.44 -19.23
CA THR A 300 -12.25 9.68 -19.14
C THR A 300 -12.16 10.21 -17.72
N PRO A 301 -11.91 11.50 -17.57
CA PRO A 301 -11.81 12.13 -16.25
C PRO A 301 -12.96 11.76 -15.33
N GLU A 302 -14.02 11.22 -15.91
CA GLU A 302 -15.20 10.80 -15.13
C GLU A 302 -15.06 9.36 -14.66
N VAL A 303 -14.48 8.51 -15.51
CA VAL A 303 -14.29 7.10 -15.17
C VAL A 303 -13.27 7.04 -14.03
N LEU A 304 -12.17 7.77 -14.18
CA LEU A 304 -11.13 7.81 -13.17
C LEU A 304 -11.67 8.42 -11.89
N GLN A 305 -12.45 9.49 -12.03
CA GLN A 305 -13.03 10.14 -10.87
C GLN A 305 -13.99 9.19 -10.23
N GLU A 306 -14.53 8.28 -11.02
CA GLU A 306 -15.46 7.29 -10.50
C GLU A 306 -14.66 6.26 -9.70
N TRP A 307 -13.52 5.85 -10.23
CA TRP A 307 -12.69 4.89 -9.53
C TRP A 307 -12.27 5.50 -8.20
N LEU A 308 -11.65 6.66 -8.24
CA LEU A 308 -11.23 7.34 -7.03
C LEU A 308 -12.43 7.53 -6.06
N ASP A 309 -13.64 7.31 -6.58
CA ASP A 309 -14.87 7.45 -5.81
C ASP A 309 -15.19 6.20 -5.00
N GLU A 310 -15.25 5.06 -5.69
CA GLU A 310 -15.58 3.77 -5.08
C GLU A 310 -14.49 3.15 -4.18
N LEU A 311 -13.38 3.86 -3.96
CA LEU A 311 -12.30 3.34 -3.13
C LEU A 311 -12.64 3.16 -1.66
N GLU A 312 -12.40 1.95 -1.14
CA GLU A 312 -12.68 1.61 0.26
C GLU A 312 -11.42 1.07 0.99
N GLU A 313 -11.33 1.34 2.30
CA GLU A 313 -10.19 0.85 3.06
C GLU A 313 -10.25 -0.66 3.00
N MET A 314 -9.09 -1.28 2.85
CA MET A 314 -9.03 -2.71 2.72
C MET A 314 -7.73 -3.25 3.29
N MET A 315 -7.61 -4.58 3.30
CA MET A 315 -6.40 -5.24 3.76
C MET A 315 -5.84 -5.85 2.51
N LEU A 316 -4.60 -5.48 2.18
CA LEU A 316 -4.00 -6.00 0.98
C LEU A 316 -2.60 -6.48 1.17
N VAL A 317 -2.18 -7.28 0.21
CA VAL A 317 -0.84 -7.80 0.16
C VAL A 317 -0.46 -7.09 -1.12
N VAL A 318 0.54 -6.22 -1.05
CA VAL A 318 0.89 -5.50 -2.24
C VAL A 318 2.21 -5.92 -2.83
N HIS A 319 2.22 -6.12 -4.14
CA HIS A 319 3.43 -6.48 -4.85
C HIS A 319 3.55 -5.36 -5.84
N MET A 320 4.69 -4.68 -5.87
CA MET A 320 4.85 -3.57 -6.80
C MET A 320 6.29 -3.39 -7.18
N PRO A 321 6.55 -3.34 -8.48
CA PRO A 321 7.95 -3.17 -8.90
C PRO A 321 8.56 -1.86 -8.45
N ARG A 322 9.87 -1.94 -8.20
CA ARG A 322 10.69 -0.83 -7.79
C ARG A 322 11.28 -0.39 -9.11
N PHE A 323 11.06 0.86 -9.50
CA PHE A 323 11.57 1.30 -10.78
C PHE A 323 11.83 2.78 -10.85
N ARG A 324 12.38 3.21 -11.97
CA ARG A 324 12.66 4.62 -12.21
C ARG A 324 12.36 4.88 -13.67
N ILE A 325 11.68 5.99 -13.95
CA ILE A 325 11.33 6.32 -15.32
C ILE A 325 11.83 7.68 -15.76
N GLU A 326 12.44 7.71 -16.95
CA GLU A 326 12.93 8.95 -17.53
C GLU A 326 12.20 9.12 -18.85
N ASP A 327 11.31 10.11 -18.93
CA ASP A 327 10.56 10.33 -20.13
C ASP A 327 10.75 11.75 -20.62
N GLY A 328 11.41 11.87 -21.77
CA GLY A 328 11.66 13.16 -22.37
C GLY A 328 11.22 13.07 -23.81
N PHE A 329 10.60 14.13 -24.31
CA PHE A 329 10.12 14.13 -25.70
C PHE A 329 9.60 15.48 -26.16
N SER A 330 9.23 15.55 -27.43
CA SER A 330 8.71 16.78 -28.00
C SER A 330 7.18 16.70 -27.94
N LEU A 331 6.58 17.73 -27.34
CA LEU A 331 5.14 17.80 -27.20
C LEU A 331 4.64 18.33 -28.53
N LYS A 332 5.50 19.11 -29.19
CA LYS A 332 5.22 19.74 -30.49
C LYS A 332 4.39 18.84 -31.39
N GLU A 333 4.98 17.73 -31.82
CA GLU A 333 4.29 16.80 -32.69
C GLU A 333 2.92 16.40 -32.12
N GLN A 334 2.93 15.86 -30.90
CA GLN A 334 1.71 15.41 -30.23
C GLN A 334 0.59 16.44 -30.15
N LEU A 335 0.89 17.59 -29.58
CA LEU A 335 -0.11 18.63 -29.47
C LEU A 335 -0.78 18.87 -30.80
N GLN A 336 0.03 19.18 -31.82
CA GLN A 336 -0.46 19.50 -33.15
C GLN A 336 -1.79 18.82 -33.46
N ASP A 337 -1.77 17.48 -33.41
CA ASP A 337 -2.89 16.70 -33.93
C ASP A 337 -4.11 16.71 -33.02
N MET A 338 -4.03 17.49 -31.92
CA MET A 338 -5.21 17.66 -31.08
C MET A 338 -5.82 19.04 -31.29
N GLY A 339 -5.44 19.65 -32.43
CA GLY A 339 -5.69 21.07 -32.63
C GLY A 339 -4.35 21.79 -32.73
N LEU A 340 -4.16 22.81 -31.89
CA LEU A 340 -2.82 23.37 -31.72
C LEU A 340 -1.98 23.20 -33.00
N VAL A 341 -2.28 24.05 -33.99
CA VAL A 341 -1.52 23.98 -35.22
C VAL A 341 -0.74 25.27 -35.48
N ASP A 342 -1.40 26.41 -35.27
CA ASP A 342 -0.82 27.72 -35.50
C ASP A 342 0.46 28.03 -34.73
N LEU A 343 0.41 27.87 -33.41
CA LEU A 343 1.57 28.16 -32.57
C LEU A 343 2.86 27.56 -33.13
N PHE A 344 2.73 26.45 -33.86
CA PHE A 344 3.88 25.76 -34.43
C PHE A 344 4.22 26.10 -35.88
N SER A 345 3.38 26.93 -36.50
CA SER A 345 3.57 27.36 -37.89
C SER A 345 4.12 28.79 -37.96
N PRO A 346 5.10 29.02 -38.84
CA PRO A 346 5.71 30.34 -39.02
C PRO A 346 4.75 31.22 -39.83
N GLU A 347 4.02 30.57 -40.74
CA GLU A 347 3.06 31.25 -41.60
C GLU A 347 1.82 31.68 -40.83
N LYS A 348 0.99 30.71 -40.45
CA LYS A 348 -0.25 30.99 -39.72
C LYS A 348 -0.06 30.94 -38.19
N SER A 349 0.71 31.91 -37.67
CA SER A 349 0.88 32.02 -36.23
C SER A 349 0.32 33.34 -35.70
N LYS A 350 0.65 33.63 -34.42
CA LYS A 350 0.15 34.87 -33.83
C LYS A 350 0.63 35.03 -32.38
N LEU A 351 1.89 35.45 -32.24
CA LEU A 351 2.47 35.61 -30.91
C LEU A 351 2.68 37.09 -30.56
N PRO A 352 1.58 37.87 -30.60
CA PRO A 352 1.63 39.31 -30.36
C PRO A 352 2.09 39.66 -28.95
N GLY A 353 1.66 38.87 -27.98
CA GLY A 353 2.04 39.11 -26.61
C GLY A 353 3.55 39.22 -26.45
N ILE A 354 4.27 39.02 -27.54
CA ILE A 354 5.72 39.09 -27.51
C ILE A 354 6.26 39.65 -28.83
N ASP A 360 7.37 41.43 -34.79
CA ASP A 360 7.95 40.62 -35.86
C ASP A 360 7.29 39.22 -35.94
N ASP A 361 7.89 38.34 -36.73
CA ASP A 361 7.38 36.97 -36.90
C ASP A 361 7.85 36.05 -35.76
N LEU A 362 6.90 35.33 -35.16
CA LEU A 362 7.22 34.45 -34.04
C LEU A 362 6.26 33.27 -33.86
N TYR A 363 6.83 32.09 -33.73
CA TYR A 363 6.07 30.86 -33.54
C TYR A 363 6.88 29.91 -32.66
N VAL A 364 6.36 28.72 -32.41
CA VAL A 364 7.08 27.77 -31.59
C VAL A 364 7.65 26.65 -32.47
N SER A 365 8.96 26.46 -32.40
CA SER A 365 9.64 25.44 -33.18
C SER A 365 9.28 24.07 -32.61
N ASP A 366 9.61 23.87 -31.34
CA ASP A 366 9.31 22.62 -30.61
C ASP A 366 9.22 22.87 -29.10
N ALA A 367 8.38 22.09 -28.43
CA ALA A 367 8.20 22.18 -26.98
C ALA A 367 8.68 20.89 -26.38
N PHE A 368 9.48 20.99 -25.32
CA PHE A 368 10.02 19.80 -24.69
C PHE A 368 9.61 19.59 -23.26
N HIS A 369 9.32 18.33 -22.93
CA HIS A 369 8.93 17.93 -21.58
C HIS A 369 9.84 16.75 -21.25
N LYS A 370 10.22 16.65 -19.98
CA LYS A 370 11.08 15.55 -19.50
C LYS A 370 10.75 15.27 -18.05
N ALA A 371 9.98 14.20 -17.82
CA ALA A 371 9.58 13.82 -16.48
C ALA A 371 10.50 12.72 -15.97
N PHE A 372 10.66 12.64 -14.65
CA PHE A 372 11.54 11.63 -14.07
C PHE A 372 10.91 11.05 -12.80
N LEU A 373 10.41 9.81 -12.87
CA LEU A 373 9.81 9.17 -11.71
C LEU A 373 10.75 8.16 -11.13
N GLU A 374 10.77 8.11 -9.81
CA GLU A 374 11.62 7.21 -9.04
C GLU A 374 10.72 6.50 -8.06
N VAL A 375 10.72 5.17 -8.11
CA VAL A 375 9.90 4.38 -7.21
C VAL A 375 10.74 3.36 -6.47
N ASN A 376 10.55 3.31 -5.14
CA ASN A 376 11.24 2.37 -4.27
C ASN A 376 10.81 2.57 -2.80
N GLU A 377 11.20 1.61 -1.93
CA GLU A 377 10.75 1.62 -0.54
C GLU A 377 11.13 2.92 0.20
N GLU A 378 10.84 2.94 1.53
CA GLU A 378 10.97 4.19 2.30
C GLU A 378 12.36 4.80 2.14
N GLY A 379 12.36 6.04 1.61
CA GLY A 379 13.61 6.71 1.32
C GLY A 379 13.98 7.72 2.40
N ALA A 382 8.48 6.81 5.59
CA ALA A 382 8.40 6.72 7.05
C ALA A 382 7.72 5.45 7.54
N ALA A 383 7.93 5.11 8.83
CA ALA A 383 7.33 3.92 9.47
C ALA A 383 6.15 4.23 10.40
N ALA A 384 5.20 3.29 10.45
CA ALA A 384 3.98 3.38 11.27
C ALA A 384 4.32 2.82 12.66
N SER A 385 3.40 2.94 13.61
CA SER A 385 3.64 2.42 14.96
C SER A 385 2.41 1.66 15.45
N THR A 386 1.25 2.13 15.03
CA THR A 386 0.00 1.50 15.39
C THR A 386 -0.44 0.61 14.24
N ALA A 387 0.54 -0.07 13.65
CA ALA A 387 0.31 -1.01 12.57
C ALA A 387 0.61 -2.38 13.20
N VAL A 388 -0.35 -2.85 13.97
CA VAL A 388 -0.29 -4.13 14.66
C VAL A 388 -1.39 -4.94 13.99
N VAL A 389 -2.20 -4.21 13.23
CA VAL A 389 -3.32 -4.79 12.49
C VAL A 389 -2.96 -6.02 11.70
N ILE A 390 -1.68 -6.17 11.35
CA ILE A 390 -1.24 -7.33 10.59
C ILE A 390 -0.43 -8.34 11.43
N ALA A 391 -0.24 -8.01 12.71
CA ALA A 391 0.48 -8.88 13.64
C ALA A 391 -0.45 -9.94 14.18
N GLY A 392 -1.75 -9.68 14.08
CA GLY A 392 -2.76 -10.64 14.52
C GLY A 392 -2.47 -11.94 13.81
N ARG A 393 -2.48 -13.05 14.55
CA ARG A 393 -2.14 -14.32 13.92
C ARG A 393 -3.25 -15.27 13.50
N SER A 394 -4.46 -14.76 13.37
CA SER A 394 -5.57 -15.58 12.91
C SER A 394 -5.40 -15.57 11.42
N LEU A 395 -6.24 -16.30 10.70
CA LEU A 395 -6.14 -16.28 9.26
C LEU A 395 -7.02 -15.12 8.83
N ASN A 396 -6.87 -14.67 7.59
CA ASN A 396 -7.72 -13.59 7.07
C ASN A 396 -8.14 -13.91 5.65
N PRO A 397 -9.40 -14.33 5.47
CA PRO A 397 -9.97 -14.68 4.17
C PRO A 397 -10.42 -13.47 3.36
N ASN A 398 -10.30 -12.28 3.95
CA ASN A 398 -10.69 -11.04 3.27
C ASN A 398 -9.50 -10.29 2.70
N ARG A 399 -8.30 -10.71 3.08
CA ARG A 399 -7.09 -10.08 2.56
C ARG A 399 -7.08 -10.30 1.05
N VAL A 400 -6.86 -9.22 0.31
CA VAL A 400 -6.84 -9.30 -1.16
C VAL A 400 -5.47 -8.89 -1.69
N THR A 401 -4.95 -9.66 -2.65
CA THR A 401 -3.64 -9.37 -3.21
C THR A 401 -3.66 -8.51 -4.47
N PHE A 402 -2.76 -7.54 -4.50
CA PHE A 402 -2.61 -6.64 -5.63
C PHE A 402 -1.22 -6.96 -6.16
N LYS A 403 -1.13 -7.87 -7.12
CA LYS A 403 0.16 -8.25 -7.65
C LYS A 403 0.44 -7.55 -8.94
N ALA A 404 1.08 -6.40 -8.86
CA ALA A 404 1.38 -5.63 -10.05
C ALA A 404 2.60 -6.15 -10.78
N ASN A 405 2.40 -7.03 -11.75
CA ASN A 405 3.52 -7.56 -12.53
C ASN A 405 3.07 -7.72 -13.97
N ARG A 406 2.36 -6.70 -14.42
CA ARG A 406 1.83 -6.61 -15.76
C ARG A 406 1.67 -5.11 -15.89
N PRO A 407 1.87 -4.58 -17.08
CA PRO A 407 1.74 -3.13 -17.26
C PRO A 407 0.50 -2.57 -16.56
N PHE A 408 0.68 -1.42 -15.92
CA PHE A 408 -0.41 -0.75 -15.20
C PHE A 408 -0.22 0.76 -15.25
N LEU A 409 -1.32 1.49 -15.14
CA LEU A 409 -1.24 2.95 -15.19
C LEU A 409 -0.78 3.51 -13.86
N VAL A 410 -0.36 4.75 -13.88
CA VAL A 410 0.13 5.42 -12.69
C VAL A 410 -0.44 6.81 -12.67
N PHE A 411 -0.91 7.26 -11.52
CA PHE A 411 -1.46 8.60 -11.39
C PHE A 411 -0.97 9.17 -10.10
N ILE A 412 -0.34 10.33 -10.12
CA ILE A 412 0.11 10.93 -8.86
C ILE A 412 -0.83 12.09 -8.69
N ARG A 413 -1.57 12.15 -7.60
CA ARG A 413 -2.49 13.26 -7.45
C ARG A 413 -2.60 13.93 -6.07
N GLU A 414 -3.20 15.11 -6.08
CA GLU A 414 -3.39 15.87 -4.86
C GLU A 414 -4.84 15.59 -4.49
N VAL A 415 -5.06 14.82 -3.43
CA VAL A 415 -6.38 14.38 -2.95
C VAL A 415 -7.56 15.35 -2.83
N PRO A 416 -7.47 16.40 -2.00
CA PRO A 416 -8.63 17.31 -1.93
C PRO A 416 -9.12 17.81 -3.30
N LEU A 417 -8.18 18.20 -4.17
CA LEU A 417 -8.51 18.69 -5.51
C LEU A 417 -8.47 17.64 -6.62
N ASN A 418 -8.01 16.44 -6.30
CA ASN A 418 -7.89 15.36 -7.30
C ASN A 418 -7.14 15.84 -8.56
N THR A 419 -6.27 16.84 -8.37
CA THR A 419 -5.44 17.39 -9.43
C THR A 419 -4.53 16.29 -9.95
N ILE A 420 -4.31 16.22 -11.26
CA ILE A 420 -3.42 15.19 -11.76
C ILE A 420 -2.01 15.73 -12.05
N ILE A 421 -1.19 15.74 -11.02
CA ILE A 421 0.17 16.23 -11.15
C ILE A 421 0.97 15.41 -12.14
N PHE A 422 0.97 14.10 -11.95
CA PHE A 422 1.70 13.21 -12.83
C PHE A 422 0.81 12.10 -13.33
N MET A 423 1.35 11.29 -14.23
CA MET A 423 0.61 10.15 -14.72
C MET A 423 1.52 9.36 -15.63
N GLY A 424 1.34 8.05 -15.65
CA GLY A 424 2.18 7.24 -16.49
C GLY A 424 1.75 5.80 -16.55
N ARG A 425 2.59 5.02 -17.23
CA ARG A 425 2.35 3.61 -17.43
C ARG A 425 3.64 2.89 -17.10
N VAL A 426 3.55 1.78 -16.38
CA VAL A 426 4.73 1.01 -16.05
C VAL A 426 4.55 -0.25 -16.86
N ALA A 427 5.13 -0.30 -18.05
CA ALA A 427 4.98 -1.48 -18.90
C ALA A 427 6.22 -2.35 -18.92
N ASN A 428 7.32 -1.82 -18.37
CA ASN A 428 8.59 -2.55 -18.35
C ASN A 428 9.49 -2.03 -17.22
N PRO A 429 9.23 -2.48 -15.99
CA PRO A 429 10.04 -2.03 -14.86
C PRO A 429 11.23 -2.92 -14.59
N CYS A 430 11.30 -4.07 -15.23
CA CYS A 430 12.40 -4.99 -15.01
C CYS A 430 13.77 -4.42 -15.37
N VAL A 431 14.77 -4.89 -14.64
CA VAL A 431 16.15 -4.42 -14.76
C VAL A 431 16.92 -4.99 -15.96
N PHE B 2 -20.23 -25.99 33.84
CA PHE B 2 -19.02 -26.34 33.03
C PHE B 2 -19.42 -27.42 32.04
N GLY B 3 -18.58 -28.43 31.90
CA GLY B 3 -18.88 -29.53 31.00
C GLY B 3 -18.74 -30.84 31.75
N SER B 4 -17.61 -31.51 31.55
CA SER B 4 -17.35 -32.76 32.20
C SER B 4 -15.95 -33.14 31.80
N GLY B 5 -15.15 -33.63 32.75
CA GLY B 5 -13.80 -34.00 32.44
C GLY B 5 -12.79 -33.06 33.05
N GLU B 6 -13.27 -32.13 33.88
CA GLU B 6 -12.36 -31.19 34.53
C GLU B 6 -11.42 -32.02 35.40
N ALA B 7 -11.93 -33.16 35.82
CA ALA B 7 -11.19 -34.09 36.66
C ALA B 7 -10.14 -34.89 35.89
N ASP B 8 -10.48 -35.22 34.64
CA ASP B 8 -9.62 -36.11 33.87
C ASP B 8 -8.61 -35.35 32.98
N CYS B 9 -8.81 -34.03 32.84
CA CYS B 9 -8.06 -33.28 31.82
C CYS B 9 -6.55 -33.33 32.03
N GLY B 10 -5.83 -33.03 30.94
CA GLY B 10 -4.39 -32.95 31.00
C GLY B 10 -3.72 -34.30 30.94
N LEU B 11 -4.46 -35.35 30.61
CA LEU B 11 -3.86 -36.68 30.54
C LEU B 11 -4.19 -37.33 29.21
N ARG B 12 -3.19 -37.43 28.35
CA ARG B 12 -3.43 -38.01 27.05
C ARG B 12 -3.66 -39.50 27.09
N PRO B 13 -4.76 -39.95 26.46
CA PRO B 13 -5.16 -41.35 26.39
C PRO B 13 -4.08 -42.25 25.77
N LEU B 14 -3.24 -41.67 24.90
CA LEU B 14 -2.20 -42.43 24.24
C LEU B 14 -0.83 -42.12 24.79
N PHE B 15 -0.79 -41.53 25.98
CA PHE B 15 0.49 -41.18 26.57
C PHE B 15 0.43 -41.30 28.06
N GLU B 16 0.07 -40.20 28.71
CA GLU B 16 0.00 -40.24 30.16
C GLU B 16 -0.74 -41.47 30.68
N LYS B 17 -1.87 -41.81 30.05
CA LYS B 17 -2.69 -42.95 30.50
C LYS B 17 -2.22 -44.34 30.13
N LYS B 18 -1.40 -44.42 29.07
CA LYS B 18 -0.87 -45.70 28.61
C LYS B 18 0.59 -45.82 28.99
N SER B 19 1.01 -44.96 29.93
CA SER B 19 2.39 -44.94 30.42
C SER B 19 3.36 -44.73 29.27
N LEU B 20 3.13 -43.66 28.53
CA LEU B 20 3.94 -43.35 27.37
C LEU B 20 4.30 -41.87 27.28
N GLU B 21 5.54 -41.57 26.93
CA GLU B 21 5.88 -40.18 26.75
C GLU B 21 6.26 -39.99 25.28
N ASP B 22 5.90 -38.82 24.75
CA ASP B 22 6.13 -38.48 23.36
C ASP B 22 7.52 -37.96 23.04
N LYS B 23 7.86 -38.02 21.76
CA LYS B 23 9.15 -37.59 21.25
C LYS B 23 9.77 -36.43 22.04
N THR B 24 9.26 -35.21 21.86
CA THR B 24 9.81 -34.03 22.53
C THR B 24 9.40 -33.72 23.97
N GLU B 25 8.44 -34.46 24.48
CA GLU B 25 7.97 -34.26 25.85
C GLU B 25 9.10 -34.04 26.84
N ARG B 26 10.02 -35.00 26.91
CA ARG B 26 11.13 -34.94 27.84
C ARG B 26 11.80 -33.57 27.80
N GLU B 27 12.06 -33.08 26.59
CA GLU B 27 12.70 -31.80 26.41
C GLU B 27 12.09 -30.67 27.23
N LEU B 28 10.78 -30.70 27.42
CA LEU B 28 10.15 -29.64 28.19
C LEU B 28 10.49 -29.83 29.66
N LEU B 29 10.12 -30.98 30.19
CA LEU B 29 10.39 -31.29 31.58
C LEU B 29 11.87 -31.05 31.91
N GLU B 30 12.75 -31.33 30.96
CA GLU B 30 14.19 -31.16 31.17
C GLU B 30 14.57 -29.68 31.21
N SER B 31 13.58 -28.79 31.10
CA SER B 31 13.87 -27.37 31.10
C SER B 31 13.49 -26.64 32.39
N TYR B 32 12.70 -27.28 33.25
CA TYR B 32 12.28 -26.65 34.51
C TYR B 32 13.37 -26.71 35.58
N ILE B 33 14.58 -27.05 35.15
CA ILE B 33 15.72 -27.16 36.05
C ILE B 33 16.74 -26.05 35.80
N ILE C 1 2.84 -23.83 11.77
CA ILE C 1 3.84 -23.44 12.75
C ILE C 1 5.26 -23.45 12.17
N VAL C 2 5.97 -22.33 12.31
CA VAL C 2 7.33 -22.21 11.79
C VAL C 2 8.36 -23.07 12.52
N GLU C 3 9.17 -23.79 11.75
CA GLU C 3 10.21 -24.63 12.30
C GLU C 3 9.76 -25.68 13.29
N GLY C 4 8.52 -26.13 13.14
CA GLY C 4 7.99 -27.14 14.03
C GLY C 4 8.31 -28.50 13.46
N SER C 5 7.38 -29.45 13.64
CA SER C 5 7.54 -30.82 13.16
C SER C 5 6.22 -31.56 13.32
N ASP C 6 6.00 -32.57 12.49
CA ASP C 6 4.77 -33.35 12.53
C ASP C 6 4.45 -33.91 13.91
N ALA C 7 3.28 -33.53 14.41
CA ALA C 7 2.84 -34.00 15.71
C ALA C 7 2.54 -35.47 15.61
N GLU C 8 2.52 -36.15 16.75
CA GLU C 8 2.24 -37.59 16.79
C GLU C 8 0.73 -37.78 16.95
N ILE C 9 0.25 -39.00 16.75
CA ILE C 9 -1.18 -39.25 16.89
C ILE C 9 -1.59 -39.08 18.36
N GLY C 10 -2.66 -38.34 18.60
CA GLY C 10 -3.15 -38.13 19.96
C GLY C 10 -2.22 -37.35 20.87
N MET C 11 -1.26 -36.67 20.29
CA MET C 11 -0.30 -35.89 21.06
C MET C 11 -0.90 -34.57 21.58
N SER C 12 -2.04 -34.16 21.03
CA SER C 12 -2.66 -32.93 21.48
C SER C 12 -4.17 -33.04 21.32
N PRO C 13 -4.81 -33.95 22.09
CA PRO C 13 -6.26 -34.25 22.11
C PRO C 13 -7.09 -33.01 21.94
N TRP C 14 -6.78 -32.04 22.79
CA TRP C 14 -7.46 -30.76 22.83
C TRP C 14 -7.39 -29.92 21.57
N GLN C 15 -6.41 -30.20 20.72
CA GLN C 15 -6.25 -29.44 19.49
C GLN C 15 -7.55 -29.47 18.71
N VAL C 16 -8.09 -28.27 18.47
CA VAL C 16 -9.34 -28.10 17.76
C VAL C 16 -9.19 -27.04 16.68
N MET C 17 -9.64 -27.32 15.46
CA MET C 17 -9.51 -26.32 14.42
C MET C 17 -10.85 -25.65 14.23
N LEU C 18 -10.83 -24.33 14.05
CA LEU C 18 -12.02 -23.50 13.91
C LEU C 18 -12.26 -23.04 12.47
N PHE C 19 -13.32 -23.54 11.84
CA PHE C 19 -13.63 -23.16 10.47
C PHE C 19 -14.66 -22.07 10.38
N ARG C 20 -15.09 -21.80 9.16
CA ARG C 20 -16.11 -20.81 8.91
C ARG C 20 -17.24 -21.59 8.25
N LYS C 21 -18.47 -21.42 8.73
CA LYS C 21 -19.61 -22.14 8.17
C LYS C 21 -19.52 -22.26 6.65
N SER C 22 -19.60 -21.11 5.98
CA SER C 22 -19.47 -21.06 4.52
C SER C 22 -18.99 -19.65 4.10
N PRO C 23 -18.05 -19.52 3.11
CA PRO C 23 -17.60 -20.58 2.20
C PRO C 23 -16.63 -21.58 2.84
N GLN C 24 -16.87 -21.89 4.12
CA GLN C 24 -16.18 -23.02 4.73
C GLN C 24 -14.67 -23.03 4.48
N GLU C 25 -13.90 -22.64 5.51
CA GLU C 25 -12.45 -22.73 5.39
C GLU C 25 -11.71 -22.36 6.68
N LEU C 26 -10.67 -23.16 6.99
CA LEU C 26 -9.93 -23.00 8.24
C LEU C 26 -9.58 -21.56 8.55
N LEU C 27 -9.45 -21.23 9.82
CA LEU C 27 -9.12 -19.86 10.13
C LEU C 27 -8.69 -19.63 11.59
N CYS C 28 -8.19 -20.69 12.24
CA CYS C 28 -7.65 -20.52 13.59
C CYS C 28 -7.42 -21.86 14.27
N GLY C 29 -6.80 -21.78 15.47
CA GLY C 29 -6.74 -22.95 16.33
C GLY C 29 -7.53 -22.68 17.59
N ALA C 30 -7.84 -23.74 18.33
CA ALA C 30 -8.58 -23.62 19.58
C ALA C 30 -8.32 -24.85 20.41
N SER C 31 -8.52 -24.74 21.71
CA SER C 31 -8.30 -25.88 22.58
C SER C 31 -9.64 -26.39 23.03
N LEU C 32 -9.64 -27.47 23.78
CA LEU C 32 -10.89 -28.04 24.26
C LEU C 32 -10.72 -28.16 25.76
N ILE C 33 -11.39 -27.30 26.52
CA ILE C 33 -11.23 -27.37 27.97
C ILE C 33 -12.25 -28.20 28.74
N SER C 34 -13.23 -28.75 28.04
CA SER C 34 -14.25 -29.59 28.67
C SER C 34 -15.06 -30.17 27.52
N ASP C 35 -15.86 -31.18 27.79
CA ASP C 35 -16.62 -31.78 26.70
C ASP C 35 -17.56 -30.81 25.99
N ARG C 36 -17.65 -29.57 26.45
CA ARG C 36 -18.53 -28.63 25.77
C ARG C 36 -18.08 -27.17 25.75
N TRP C 37 -16.80 -26.92 26.03
CA TRP C 37 -16.28 -25.57 26.00
C TRP C 37 -14.95 -25.51 25.25
N VAL C 38 -14.91 -24.69 24.21
CA VAL C 38 -13.71 -24.56 23.42
C VAL C 38 -13.07 -23.20 23.65
N LEU C 39 -11.80 -23.18 24.03
CA LEU C 39 -11.14 -21.91 24.28
C LEU C 39 -10.38 -21.47 23.03
N THR C 40 -10.67 -20.26 22.55
CA THR C 40 -9.98 -19.71 21.37
C THR C 40 -9.49 -18.28 21.60
N ALA C 41 -8.91 -17.69 20.55
CA ALA C 41 -8.36 -16.33 20.61
C ALA C 41 -9.35 -15.27 20.13
N ALA C 42 -9.58 -14.28 20.99
CA ALA C 42 -10.49 -13.17 20.69
C ALA C 42 -10.58 -12.77 19.22
N HIS C 43 -9.53 -12.16 18.68
CA HIS C 43 -9.58 -11.70 17.30
C HIS C 43 -9.72 -12.76 16.21
N CYS C 44 -9.84 -14.01 16.61
CA CYS C 44 -10.03 -15.09 15.64
C CYS C 44 -11.46 -14.93 15.18
N LEU C 45 -12.27 -14.44 16.12
CA LEU C 45 -13.69 -14.24 15.93
C LEU C 45 -14.02 -12.79 15.69
N LEU C 46 -13.38 -11.89 16.42
CA LEU C 46 -13.66 -10.47 16.26
C LEU C 46 -12.50 -9.50 16.10
N TYR C 47 -12.33 -8.99 14.88
CA TYR C 47 -11.29 -8.00 14.61
C TYR C 47 -11.91 -7.02 13.61
N PRO C 48 -12.24 -5.80 14.08
CA PRO C 48 -12.84 -4.77 13.22
C PRO C 48 -12.02 -4.40 11.97
N PRO C 49 -10.70 -4.18 12.11
CA PRO C 49 -9.86 -3.81 10.97
C PRO C 49 -10.01 -4.72 9.75
N TRP C 50 -9.89 -6.02 9.94
CA TRP C 50 -10.04 -6.93 8.81
C TRP C 50 -11.54 -7.09 8.59
N ASP C 51 -12.30 -6.34 9.37
CA ASP C 51 -13.76 -6.39 9.32
C ASP C 51 -14.19 -7.83 9.35
N LYS C 52 -13.86 -8.45 10.48
CA LYS C 52 -14.18 -9.84 10.76
C LYS C 52 -15.04 -9.83 12.01
N ASN C 53 -16.31 -10.17 11.85
CA ASN C 53 -17.25 -10.17 12.97
C ASN C 53 -18.09 -11.44 12.89
N PHE C 54 -17.49 -12.53 13.31
CA PHE C 54 -18.17 -13.82 13.28
C PHE C 54 -19.02 -14.03 14.54
N THR C 55 -19.79 -15.12 14.51
CA THR C 55 -20.75 -15.37 15.58
C THR C 55 -21.02 -16.86 15.75
N GLU C 56 -22.03 -17.16 16.58
CA GLU C 56 -22.29 -18.54 16.93
C GLU C 56 -22.38 -19.45 15.70
N ASN C 57 -23.21 -19.03 14.71
CA ASN C 57 -23.46 -19.91 13.58
C ASN C 57 -22.90 -19.40 12.24
N ASP C 58 -21.76 -18.70 12.32
CA ASP C 58 -21.03 -18.39 11.09
C ASP C 58 -19.89 -19.34 10.95
N LEU C 59 -19.66 -20.13 11.99
CA LEU C 59 -18.55 -21.04 11.99
C LEU C 59 -18.83 -22.33 12.75
N LEU C 60 -17.92 -23.29 12.61
CA LEU C 60 -18.03 -24.58 13.28
C LEU C 60 -16.62 -24.98 13.72
N VAL C 61 -16.46 -26.16 14.30
CA VAL C 61 -15.15 -26.59 14.73
C VAL C 61 -14.96 -28.06 14.42
N ARG C 62 -13.74 -28.44 14.11
CA ARG C 62 -13.45 -29.83 13.82
C ARG C 62 -12.50 -30.29 14.93
N ILE C 63 -12.99 -31.20 15.76
CA ILE C 63 -12.21 -31.69 16.89
C ILE C 63 -11.48 -33.02 16.73
N GLY C 64 -10.33 -33.11 17.39
CA GLY C 64 -9.54 -34.33 17.33
C GLY C 64 -9.17 -34.76 15.93
N LYS C 65 -8.47 -33.89 15.21
CA LYS C 65 -8.02 -34.17 13.85
C LYS C 65 -6.49 -34.11 13.80
N HIS C 66 -5.90 -35.04 13.04
CA HIS C 66 -4.44 -34.94 13.15
C HIS C 66 -3.79 -34.43 11.86
N SER C 67 -4.38 -34.79 10.70
CA SER C 67 -3.75 -34.44 9.43
C SER C 67 -3.99 -32.97 9.03
N ARG C 68 -5.12 -32.73 8.36
CA ARG C 68 -5.46 -31.35 8.00
C ARG C 68 -6.64 -31.28 7.02
N THR C 69 -6.55 -32.09 5.95
CA THR C 69 -7.60 -32.07 4.93
C THR C 69 -8.31 -33.43 4.80
N ARG C 70 -7.56 -34.53 4.58
CA ARG C 70 -8.20 -35.85 4.60
C ARG C 70 -9.20 -36.01 5.76
N TYR C 71 -10.36 -36.59 5.45
CA TYR C 71 -11.40 -36.82 6.46
C TYR C 71 -11.03 -38.09 7.21
N GLU C 72 -10.84 -37.97 8.52
CA GLU C 72 -10.48 -39.10 9.36
C GLU C 72 -11.72 -39.72 9.98
N ARG C 73 -12.35 -40.62 9.22
CA ARG C 73 -13.57 -41.28 9.66
C ARG C 73 -13.42 -41.94 11.02
N ASN C 74 -14.48 -41.87 11.83
CA ASN C 74 -14.46 -42.50 13.15
C ASN C 74 -13.47 -41.85 14.12
N ILE C 75 -12.72 -40.88 13.64
CA ILE C 75 -11.76 -40.23 14.51
C ILE C 75 -12.18 -38.81 14.83
N GLU C 76 -12.42 -38.02 13.79
CA GLU C 76 -12.78 -36.62 13.97
C GLU C 76 -14.27 -36.37 14.19
N LYS C 77 -14.58 -35.23 14.81
CA LYS C 77 -15.95 -34.88 15.08
C LYS C 77 -16.21 -33.40 14.89
N ILE C 78 -17.17 -33.11 14.03
CA ILE C 78 -17.62 -31.76 13.71
C ILE C 78 -18.57 -31.36 14.82
N SER C 79 -18.72 -30.07 15.05
CA SER C 79 -19.65 -29.61 16.06
C SER C 79 -19.91 -28.15 15.83
N MET C 80 -21.13 -27.71 16.13
CA MET C 80 -21.46 -26.32 15.93
C MET C 80 -21.36 -25.65 17.28
N LEU C 81 -21.51 -24.33 17.29
CA LEU C 81 -21.42 -23.60 18.53
C LEU C 81 -22.75 -23.03 18.94
N GLU C 82 -23.05 -23.14 20.24
CA GLU C 82 -24.31 -22.64 20.79
C GLU C 82 -24.18 -21.17 21.17
N LYS C 83 -22.96 -20.72 21.44
CA LYS C 83 -22.74 -19.33 21.82
C LYS C 83 -21.27 -18.98 21.89
N ILE C 84 -20.94 -17.76 21.49
CA ILE C 84 -19.57 -17.25 21.52
C ILE C 84 -19.47 -16.34 22.73
N TYR C 85 -18.26 -16.14 23.24
CA TYR C 85 -18.09 -15.28 24.40
C TYR C 85 -16.77 -14.52 24.38
N ILE C 86 -16.74 -13.39 23.67
CA ILE C 86 -15.54 -12.57 23.59
C ILE C 86 -15.34 -11.86 24.93
N HIS C 87 -14.09 -11.59 25.26
CA HIS C 87 -13.84 -10.91 26.53
C HIS C 87 -14.51 -9.55 26.47
N PRO C 88 -14.95 -9.03 27.62
CA PRO C 88 -15.61 -7.71 27.66
C PRO C 88 -14.67 -6.53 27.47
N ARG C 89 -13.45 -6.66 27.96
CA ARG C 89 -12.47 -5.58 27.85
C ARG C 89 -11.33 -5.91 26.88
N TYR C 90 -11.68 -6.57 25.79
CA TYR C 90 -10.73 -6.96 24.76
C TYR C 90 -10.38 -5.74 23.95
N ASN C 91 -9.25 -5.12 24.30
CA ASN C 91 -8.75 -3.90 23.67
C ASN C 91 -8.08 -4.11 22.31
N TRP C 92 -8.87 -4.57 21.34
CA TRP C 92 -8.36 -4.83 20.01
C TRP C 92 -7.87 -3.58 19.31
N ARG C 93 -8.22 -2.42 19.84
CA ARG C 93 -7.82 -1.17 19.22
C ARG C 93 -6.34 -0.80 19.32
N GLU C 94 -5.75 -0.97 20.50
CA GLU C 94 -4.35 -0.61 20.67
C GLU C 94 -3.40 -1.80 20.48
N ASN C 95 -3.60 -2.87 21.26
CA ASN C 95 -2.70 -4.01 21.24
C ASN C 95 -3.27 -5.41 21.46
N LEU C 96 -4.38 -5.76 20.84
CA LEU C 96 -4.96 -7.11 21.03
C LEU C 96 -4.83 -7.59 22.49
N ASP C 97 -5.04 -6.67 23.42
CA ASP C 97 -4.96 -6.95 24.84
C ASP C 97 -6.19 -7.73 25.24
N ARG C 98 -6.02 -8.79 26.02
CA ARG C 98 -7.14 -9.64 26.44
C ARG C 98 -7.73 -10.28 25.18
N ASP C 99 -6.88 -10.98 24.45
CA ASP C 99 -7.25 -11.65 23.20
C ASP C 99 -7.80 -13.06 23.46
N ILE C 100 -8.70 -13.15 24.43
CA ILE C 100 -9.29 -14.43 24.80
C ILE C 100 -10.77 -14.48 24.43
N ALA C 101 -11.28 -15.69 24.23
CA ALA C 101 -12.66 -15.91 23.90
C ALA C 101 -12.93 -17.42 23.89
N LEU C 102 -14.01 -17.85 24.54
CA LEU C 102 -14.35 -19.27 24.56
C LEU C 102 -15.70 -19.39 23.88
N MET C 103 -15.99 -20.58 23.37
CA MET C 103 -17.24 -20.82 22.68
C MET C 103 -17.86 -22.09 23.21
N LYS C 104 -19.17 -22.08 23.44
CA LYS C 104 -19.86 -23.26 23.96
C LYS C 104 -20.43 -24.14 22.85
N LEU C 105 -19.96 -25.38 22.77
CA LEU C 105 -20.43 -26.30 21.76
C LEU C 105 -21.95 -26.38 21.88
N LYS C 106 -22.63 -26.67 20.77
CA LYS C 106 -24.09 -26.78 20.81
C LYS C 106 -24.47 -28.12 21.40
N LYS C 107 -23.68 -29.13 21.09
CA LYS C 107 -23.92 -30.47 21.60
C LYS C 107 -22.60 -31.04 22.14
N PRO C 108 -22.60 -31.49 23.41
CA PRO C 108 -21.42 -32.05 24.05
C PRO C 108 -20.68 -33.12 23.25
N VAL C 109 -19.41 -32.85 22.98
CA VAL C 109 -18.54 -33.77 22.24
C VAL C 109 -18.34 -35.06 23.04
N ALA C 110 -17.72 -36.05 22.40
CA ALA C 110 -17.46 -37.35 23.02
C ALA C 110 -15.97 -37.66 23.08
N PHE C 111 -15.42 -37.72 24.28
CA PHE C 111 -13.99 -38.00 24.44
C PHE C 111 -13.60 -39.38 23.91
N SER C 112 -12.35 -39.51 23.48
CA SER C 112 -11.83 -40.78 22.96
C SER C 112 -10.32 -40.68 23.10
N ASP C 113 -9.58 -41.43 22.31
CA ASP C 113 -8.13 -41.34 22.40
C ASP C 113 -7.67 -40.07 21.71
N TYR C 114 -8.51 -39.53 20.83
CA TYR C 114 -8.18 -38.34 20.06
C TYR C 114 -8.77 -37.03 20.59
N ILE C 115 -9.84 -37.16 21.37
CA ILE C 115 -10.52 -36.02 21.98
C ILE C 115 -10.29 -36.07 23.50
N HIS C 116 -9.88 -34.94 24.09
CA HIS C 116 -9.63 -34.86 25.54
C HIS C 116 -9.27 -33.41 25.86
N PRO C 117 -9.79 -32.90 26.97
CA PRO C 117 -9.52 -31.51 27.37
C PRO C 117 -8.20 -31.26 28.06
N VAL C 118 -7.63 -30.12 27.79
CA VAL C 118 -6.37 -29.77 28.42
C VAL C 118 -6.65 -28.85 29.62
N CYS C 119 -6.27 -29.31 30.81
CA CYS C 119 -6.49 -28.56 32.05
C CYS C 119 -6.13 -27.09 31.99
N LEU C 120 -6.97 -26.27 32.62
CA LEU C 120 -6.72 -24.83 32.70
C LEU C 120 -5.80 -24.71 33.92
N PRO C 121 -4.90 -23.73 33.91
CA PRO C 121 -3.98 -23.55 35.03
C PRO C 121 -4.67 -22.91 36.21
N ASP C 122 -3.93 -22.83 37.31
CA ASP C 122 -4.42 -22.20 38.53
C ASP C 122 -3.21 -21.50 39.14
N ARG C 123 -3.46 -20.46 39.92
CA ARG C 123 -2.41 -19.66 40.56
C ARG C 123 -1.11 -20.40 40.86
N GLU C 124 -1.23 -21.64 41.35
CA GLU C 124 -0.04 -22.42 41.65
C GLU C 124 0.66 -22.88 40.38
N THR C 125 -0.07 -23.58 39.51
CA THR C 125 0.50 -24.06 38.28
C THR C 125 1.06 -22.89 37.49
N ALA C 126 0.35 -21.77 37.53
CA ALA C 126 0.79 -20.58 36.81
C ALA C 126 2.10 -20.09 37.39
N ALA C 127 2.10 -19.80 38.69
CA ALA C 127 3.30 -19.32 39.37
C ALA C 127 4.44 -20.31 39.18
N SER C 128 4.13 -21.57 39.42
CA SER C 128 5.09 -22.64 39.28
C SER C 128 5.66 -22.78 37.87
N LEU C 129 4.81 -22.73 36.85
CA LEU C 129 5.28 -22.92 35.49
C LEU C 129 5.56 -21.72 34.58
N LEU C 130 4.77 -20.65 34.70
CA LEU C 130 5.01 -19.47 33.86
C LEU C 130 6.27 -18.73 34.27
N GLN C 131 7.42 -19.27 33.86
CA GLN C 131 8.70 -18.66 34.18
C GLN C 131 9.60 -18.59 32.95
N ALA C 132 10.41 -17.55 32.91
CA ALA C 132 11.35 -17.35 31.81
C ALA C 132 12.21 -18.59 31.68
N GLY C 133 12.59 -18.92 30.45
CA GLY C 133 13.43 -20.09 30.26
C GLY C 133 12.70 -21.42 30.23
N TYR C 134 11.55 -21.49 30.91
CA TYR C 134 10.78 -22.73 30.92
C TYR C 134 10.15 -22.86 29.55
N LYS C 135 10.10 -24.09 29.02
CA LYS C 135 9.50 -24.30 27.71
C LYS C 135 8.03 -24.76 27.71
N GLY C 136 7.27 -24.28 26.73
CA GLY C 136 5.87 -24.65 26.58
C GLY C 136 5.75 -25.36 25.26
N ARG C 137 4.54 -25.57 24.76
CA ARG C 137 4.37 -26.27 23.50
C ARG C 137 3.24 -25.75 22.65
N VAL C 138 3.61 -25.05 21.58
CA VAL C 138 2.65 -24.48 20.66
C VAL C 138 2.30 -25.53 19.61
N THR C 139 1.06 -25.51 19.14
CA THR C 139 0.60 -26.49 18.15
C THR C 139 -0.43 -25.90 17.21
N GLY C 140 -0.36 -26.29 15.94
CA GLY C 140 -1.33 -25.76 14.98
C GLY C 140 -1.13 -26.24 13.56
N TRP C 141 -2.03 -25.82 12.66
CA TRP C 141 -1.97 -26.17 11.24
C TRP C 141 -1.73 -24.90 10.42
N GLY C 142 -1.15 -23.87 11.04
CA GLY C 142 -0.91 -22.63 10.34
C GLY C 142 0.29 -22.68 9.40
N ASN C 143 0.46 -21.59 8.63
CA ASN C 143 1.55 -21.45 7.67
C ASN C 143 2.87 -21.89 8.26
N LEU C 144 3.69 -22.54 7.43
CA LEU C 144 4.99 -23.04 7.85
C LEU C 144 6.08 -21.99 7.82
N LYS C 145 5.86 -20.91 7.09
CA LYS C 145 6.85 -19.85 7.00
C LYS C 145 6.26 -18.48 6.66
N GLU C 146 6.80 -17.47 7.32
CA GLU C 146 6.38 -16.08 7.18
C GLU C 146 6.17 -15.71 5.71
N GLY C 155 3.53 -24.08 1.61
CA GLY C 155 2.75 -23.15 2.40
C GLY C 155 2.19 -23.74 3.69
N GLN C 156 0.95 -24.22 3.63
CA GLN C 156 0.30 -24.84 4.78
C GLN C 156 0.80 -26.29 4.97
N PRO C 157 0.76 -26.81 6.22
CA PRO C 157 1.21 -28.18 6.51
C PRO C 157 0.20 -29.24 6.08
N SER C 158 0.53 -30.49 6.37
CA SER C 158 -0.31 -31.64 6.02
C SER C 158 -0.92 -32.31 7.26
N VAL C 159 -0.26 -32.12 8.40
CA VAL C 159 -0.72 -32.69 9.66
C VAL C 159 -0.35 -31.71 10.78
N LEU C 160 -1.07 -31.76 11.89
CA LEU C 160 -0.81 -30.87 13.02
C LEU C 160 0.67 -30.70 13.28
N GLN C 161 1.15 -29.47 13.16
CA GLN C 161 2.53 -29.16 13.41
C GLN C 161 2.70 -28.91 14.90
N VAL C 162 3.89 -29.16 15.41
CA VAL C 162 4.17 -28.94 16.83
C VAL C 162 5.59 -28.41 17.05
N VAL C 163 5.75 -27.49 18.00
CA VAL C 163 7.04 -26.89 18.32
C VAL C 163 7.11 -26.55 19.81
N ASN C 164 8.28 -26.67 20.42
CA ASN C 164 8.42 -26.33 21.84
C ASN C 164 9.21 -25.04 21.94
N LEU C 165 8.77 -24.11 22.77
CA LEU C 165 9.46 -22.83 22.91
C LEU C 165 9.64 -22.34 24.34
N PRO C 166 10.79 -21.72 24.64
CA PRO C 166 11.07 -21.21 25.98
C PRO C 166 10.32 -19.93 26.20
N ILE C 167 10.02 -19.61 27.45
CA ILE C 167 9.33 -18.36 27.74
C ILE C 167 10.36 -17.25 27.87
N VAL C 168 9.97 -16.04 27.51
CA VAL C 168 10.90 -14.92 27.57
C VAL C 168 10.60 -13.94 28.70
N GLU C 169 11.65 -13.31 29.22
CA GLU C 169 11.55 -12.33 30.29
C GLU C 169 10.76 -11.13 29.81
N ARG C 170 9.88 -10.61 30.68
CA ARG C 170 9.03 -9.45 30.37
C ARG C 170 9.76 -8.41 29.53
N PRO C 171 10.84 -7.82 30.08
CA PRO C 171 11.59 -6.81 29.35
C PRO C 171 11.84 -7.23 27.92
N VAL C 172 12.72 -8.20 27.72
CA VAL C 172 13.03 -8.64 26.37
C VAL C 172 11.81 -8.65 25.46
N CYS C 173 10.70 -9.19 25.94
CA CYS C 173 9.50 -9.20 25.11
C CYS C 173 9.26 -7.75 24.73
N LYS C 174 8.92 -6.93 25.72
CA LYS C 174 8.64 -5.50 25.54
C LYS C 174 9.63 -4.78 24.62
N ASP C 175 10.90 -5.20 24.62
CA ASP C 175 11.92 -4.58 23.81
C ASP C 175 12.03 -5.11 22.39
N SER C 176 11.44 -6.28 22.17
CA SER C 176 11.50 -6.86 20.84
C SER C 176 10.57 -6.09 19.91
N THR C 177 9.53 -5.51 20.48
CA THR C 177 8.54 -4.77 19.68
C THR C 177 8.31 -3.31 20.11
N ARG C 178 7.62 -2.57 19.25
CA ARG C 178 7.30 -1.17 19.51
C ARG C 178 5.92 -1.05 20.16
N ILE C 179 5.13 -2.12 20.11
CA ILE C 179 3.79 -2.18 20.69
C ILE C 179 3.77 -2.16 22.23
N ARG C 180 2.69 -1.66 22.82
CA ARG C 180 2.61 -1.62 24.27
C ARG C 180 2.19 -3.00 24.75
N ILE C 181 3.13 -3.73 25.35
CA ILE C 181 2.83 -5.07 25.86
C ILE C 181 1.93 -4.94 27.08
N THR C 182 1.34 -6.05 27.54
CA THR C 182 0.45 -6.01 28.71
C THR C 182 0.73 -7.14 29.68
N ASP C 183 0.25 -7.00 30.92
CA ASP C 183 0.45 -8.04 31.91
C ASP C 183 -0.47 -9.21 31.58
N ASN C 184 -1.26 -9.05 30.52
CA ASN C 184 -2.19 -10.10 30.10
C ASN C 184 -1.70 -10.81 28.88
N MET C 185 -0.38 -10.87 28.73
CA MET C 185 0.23 -11.54 27.59
C MET C 185 1.71 -11.75 27.81
N PHE C 186 2.19 -12.95 27.50
CA PHE C 186 3.61 -13.25 27.65
C PHE C 186 4.14 -13.59 26.26
N CYS C 187 5.46 -13.78 26.15
CA CYS C 187 6.03 -14.09 24.86
C CYS C 187 6.99 -15.26 24.90
N ALA C 188 6.85 -16.15 23.92
CA ALA C 188 7.69 -17.33 23.84
C ALA C 188 8.51 -17.32 22.58
N GLY C 189 9.78 -17.70 22.73
CA GLY C 189 10.66 -17.74 21.59
C GLY C 189 12.13 -17.90 21.94
N TYR C 190 12.93 -18.37 21.00
CA TYR C 190 14.34 -18.51 21.24
C TYR C 190 14.99 -17.17 20.91
N LYS C 191 16.05 -16.82 21.64
CA LYS C 191 16.76 -15.59 21.36
C LYS C 191 17.63 -15.88 20.15
N PRO C 192 18.31 -14.86 19.63
CA PRO C 192 19.13 -15.22 18.47
C PRO C 192 20.39 -15.97 18.91
N ASP C 193 20.72 -15.88 20.20
CA ASP C 193 21.91 -16.54 20.72
C ASP C 193 21.70 -17.94 21.28
N GLU C 194 20.50 -18.49 21.13
CA GLU C 194 20.24 -19.84 21.61
C GLU C 194 20.30 -20.80 20.44
N GLY C 195 20.76 -20.25 19.31
CA GLY C 195 20.92 -21.05 18.12
C GLY C 195 19.57 -21.55 17.55
N LYS C 196 18.97 -22.51 18.29
CA LYS C 196 17.76 -23.17 17.82
C LYS C 196 16.54 -22.23 17.71
N ARG C 197 15.57 -22.61 16.83
CA ARG C 197 14.44 -21.72 16.58
C ARG C 197 13.11 -22.42 16.34
N GLY C 198 12.13 -21.58 15.95
CA GLY C 198 10.74 -22.02 15.81
C GLY C 198 9.82 -20.94 16.33
N ASP C 199 8.53 -21.03 15.98
CA ASP C 199 7.54 -20.05 16.42
C ASP C 199 6.21 -20.28 15.74
N ALA C 200 5.13 -19.87 16.38
CA ALA C 200 3.79 -20.03 15.81
C ALA C 200 3.73 -19.06 14.65
N CYS C 201 2.68 -19.13 13.84
CA CYS C 201 2.61 -18.22 12.71
C CYS C 201 1.22 -17.69 12.32
N GLU C 202 0.86 -17.83 11.05
CA GLU C 202 -0.42 -17.34 10.57
C GLU C 202 -1.45 -18.47 10.56
N GLY C 203 -2.55 -18.29 11.28
CA GLY C 203 -3.55 -19.33 11.31
C GLY C 203 -3.35 -20.22 12.52
N ASP C 204 -2.27 -19.99 13.25
CA ASP C 204 -1.99 -20.76 14.44
C ASP C 204 -2.72 -20.14 15.62
N SER C 205 -3.15 -18.90 15.44
CA SER C 205 -3.84 -18.19 16.52
C SER C 205 -4.99 -19.00 17.06
N GLY C 206 -5.30 -18.80 18.35
CA GLY C 206 -6.37 -19.53 18.97
C GLY C 206 -5.77 -20.81 19.51
N GLY C 207 -4.65 -21.21 18.92
CA GLY C 207 -3.96 -22.41 19.33
C GLY C 207 -3.58 -22.43 20.80
N PRO C 208 -3.24 -23.60 21.34
CA PRO C 208 -2.88 -23.72 22.74
C PRO C 208 -1.40 -23.77 23.00
N PHE C 209 -0.95 -23.05 24.03
CA PHE C 209 0.45 -23.08 24.42
C PHE C 209 0.36 -23.88 25.73
N VAL C 210 0.73 -25.15 25.67
CA VAL C 210 0.63 -26.01 26.86
C VAL C 210 1.94 -26.32 27.54
N MET C 211 1.84 -26.79 28.78
CA MET C 211 3.01 -27.15 29.57
C MET C 211 2.67 -28.36 30.45
N LYS C 212 3.51 -29.38 30.42
CA LYS C 212 3.24 -30.54 31.24
C LYS C 212 3.75 -30.23 32.64
N SER C 213 3.15 -30.89 33.64
CA SER C 213 3.53 -30.68 35.01
C SER C 213 4.47 -31.74 35.50
N PRO C 214 5.54 -31.34 36.18
CA PRO C 214 6.53 -32.30 36.69
C PRO C 214 5.97 -33.04 37.89
N PHE C 215 4.86 -32.55 38.43
CA PHE C 215 4.24 -33.15 39.60
C PHE C 215 3.11 -34.14 39.32
N ASN C 216 1.97 -33.60 38.88
CA ASN C 216 0.79 -34.41 38.59
C ASN C 216 0.72 -34.80 37.13
N ASN C 217 1.84 -34.64 36.45
CA ASN C 217 1.95 -34.92 35.01
C ASN C 217 0.66 -34.70 34.17
N ARG C 218 0.16 -33.47 34.20
CA ARG C 218 -1.01 -33.07 33.46
C ARG C 218 -0.62 -31.95 32.50
N TRP C 219 -1.44 -31.66 31.50
CA TRP C 219 -1.09 -30.61 30.55
C TRP C 219 -1.87 -29.34 30.83
N TYR C 220 -1.16 -28.25 31.03
CA TYR C 220 -1.84 -27.02 31.34
C TYR C 220 -1.77 -25.94 30.27
N GLN C 221 -2.93 -25.49 29.81
CA GLN C 221 -2.90 -24.45 28.79
C GLN C 221 -2.58 -23.11 29.43
N MET C 222 -1.32 -22.69 29.31
CA MET C 222 -0.90 -21.43 29.90
C MET C 222 -1.22 -20.21 29.06
N GLY C 223 -1.15 -20.34 27.74
CA GLY C 223 -1.44 -19.22 26.88
C GLY C 223 -2.14 -19.57 25.59
N ILE C 224 -2.43 -18.55 24.76
CA ILE C 224 -3.09 -18.78 23.49
C ILE C 224 -2.51 -17.96 22.35
N VAL C 225 -2.16 -18.67 21.28
CA VAL C 225 -1.56 -18.07 20.10
C VAL C 225 -2.35 -16.83 19.77
N SER C 226 -1.74 -15.68 20.02
CA SER C 226 -2.38 -14.39 19.77
C SER C 226 -1.75 -13.68 18.58
N TRP C 227 -0.78 -12.82 18.86
CA TRP C 227 -0.13 -12.07 17.79
C TRP C 227 1.39 -12.22 17.77
N GLY C 228 2.01 -11.53 16.82
CA GLY C 228 3.45 -11.57 16.68
C GLY C 228 3.83 -10.89 15.38
N GLU C 229 4.90 -10.11 15.40
CA GLU C 229 5.36 -9.39 14.21
C GLU C 229 6.13 -10.31 13.30
N GLY C 230 5.46 -10.82 12.27
CA GLY C 230 6.09 -11.75 11.36
C GLY C 230 6.08 -13.13 11.98
N CYS C 231 6.99 -14.00 11.54
CA CYS C 231 7.10 -15.36 12.06
C CYS C 231 8.55 -15.83 12.14
N ASP C 232 8.96 -16.25 13.33
CA ASP C 232 10.31 -16.78 13.52
C ASP C 232 11.43 -15.84 13.09
N ARG C 233 11.25 -14.56 13.33
CA ARG C 233 12.28 -13.59 12.99
C ARG C 233 13.19 -13.53 14.21
N ASP C 234 14.49 -13.41 13.95
CA ASP C 234 15.48 -13.34 15.01
C ASP C 234 15.26 -12.04 15.77
N GLY C 235 15.33 -12.08 17.09
CA GLY C 235 15.14 -10.86 17.85
C GLY C 235 13.70 -10.45 18.05
N LYS C 236 12.78 -11.26 17.55
CA LYS C 236 11.34 -11.01 17.68
C LYS C 236 10.68 -12.29 18.16
N TYR C 237 9.60 -12.17 18.93
CA TYR C 237 8.96 -13.36 19.46
C TYR C 237 7.45 -13.35 19.31
N GLY C 238 6.84 -14.53 19.51
CA GLY C 238 5.40 -14.61 19.41
C GLY C 238 4.81 -14.16 20.72
N PHE C 239 3.54 -13.78 20.72
CA PHE C 239 2.90 -13.35 21.94
C PHE C 239 1.63 -14.15 22.12
N TYR C 240 1.45 -14.69 23.32
CA TYR C 240 0.30 -15.50 23.63
C TYR C 240 -0.49 -14.84 24.75
N THR C 241 -1.82 -14.93 24.70
CA THR C 241 -2.60 -14.35 25.80
C THR C 241 -2.29 -15.17 27.03
N HIS C 242 -2.31 -14.54 28.19
CA HIS C 242 -2.01 -15.21 29.44
C HIS C 242 -3.28 -15.88 29.96
N VAL C 243 -3.56 -17.11 29.53
CA VAL C 243 -4.77 -17.80 29.96
C VAL C 243 -5.11 -17.67 31.42
N PHE C 244 -4.19 -18.03 32.30
CA PHE C 244 -4.47 -17.93 33.74
C PHE C 244 -4.86 -16.53 34.20
N ARG C 245 -4.09 -15.55 33.74
CA ARG C 245 -4.32 -14.16 34.07
C ARG C 245 -5.75 -13.76 33.75
N LEU C 246 -6.43 -14.57 32.95
CA LEU C 246 -7.81 -14.29 32.56
C LEU C 246 -8.79 -15.40 32.99
N LYS C 247 -8.38 -16.23 33.94
CA LYS C 247 -9.23 -17.32 34.39
C LYS C 247 -10.51 -16.80 35.02
N LYS C 248 -10.36 -15.80 35.90
CA LYS C 248 -11.50 -15.18 36.61
C LYS C 248 -12.63 -14.98 35.63
N TRP C 249 -12.34 -14.34 34.50
CA TRP C 249 -13.37 -14.13 33.49
C TRP C 249 -13.78 -15.47 32.92
N ILE C 250 -12.79 -16.28 32.51
CA ILE C 250 -13.07 -17.58 31.94
C ILE C 250 -14.06 -18.35 32.81
N GLN C 251 -13.76 -18.36 34.11
CA GLN C 251 -14.64 -19.01 35.07
C GLN C 251 -16.06 -18.41 35.06
N LYS C 252 -16.13 -17.06 35.09
CA LYS C 252 -17.40 -16.39 35.38
C LYS C 252 -18.31 -16.30 34.13
N VAL C 253 -18.04 -17.17 33.14
CA VAL C 253 -18.94 -17.30 31.98
C VAL C 253 -19.45 -18.72 31.88
N ILE C 254 -18.60 -19.62 32.42
CA ILE C 254 -18.98 -21.01 32.51
C ILE C 254 -19.91 -21.30 33.68
N ASP C 255 -19.69 -20.58 34.77
CA ASP C 255 -20.52 -20.79 35.95
C ASP C 255 -21.95 -20.30 35.73
N GLN C 256 -22.17 -19.54 34.66
CA GLN C 256 -23.49 -19.04 34.33
C GLN C 256 -23.91 -19.54 32.95
C1 YYB D . -15.86 39.12 -14.09
C2 YYB D . -15.80 38.04 -13.00
C3 YYB D . -16.01 38.66 -11.62
C3M YYB D . -17.22 37.11 -9.94
C4 YYB D . -14.95 39.72 -11.41
C5 YYB D . -15.05 40.80 -12.56
C6 YYB D . -14.02 41.84 -12.42
O1S2 YYB D . -17.05 34.71 -12.29
O1S6 YYB D . -10.73 41.43 -11.24
O2 YYB D . -16.80 36.97 -13.26
O2S2 YYB D . -14.95 35.33 -13.38
O2S6 YYB D . -11.75 43.39 -12.17
O3 YYB D . -15.97 37.63 -10.56
O3S2 YYB D . -16.92 34.98 -14.73
O3S6 YYB D . -10.71 41.76 -13.63
O4 YYB D . -15.14 40.29 -10.14
O5 YYB D . -14.88 40.17 -13.84
O6 YYB D . -12.82 41.19 -12.50
S2 YYB D . -16.39 35.47 -13.48
S6 YYB D . -11.43 41.99 -12.37
O4 U9J D . -11.65 39.47 -6.28
C4 U9J D . -12.98 39.94 -6.58
C5 U9J D . -13.77 38.83 -7.45
O5 U9J D . -13.58 39.07 -8.86
C6 U9J D . -13.33 37.36 -7.24
O6A U9J D . -14.15 36.55 -6.74
O6B U9J D . -12.16 36.97 -7.58
C3 U9J D . -12.88 41.36 -7.32
O3 U9J D . -12.96 42.41 -6.40
C3M U9J D . -11.83 43.30 -6.46
C2 U9J D . -14.01 41.55 -8.37
O2 U9J D . -13.88 42.80 -8.99
C2M U9J D . -15.06 43.86 -8.56
C1 U9J D . -13.91 40.38 -9.39
C1 GU6 D . -10.95 39.81 -5.03
C2 GU6 D . -9.62 39.09 -5.17
O2 GU6 D . -9.00 39.49 -6.33
S2 GU6 D . -8.29 40.86 -6.44
C3 GU6 D . -9.86 37.50 -5.18
O3 GU6 D . -8.66 36.77 -5.31
S3 GU6 D . -8.49 35.88 -6.64
C4 GU6 D . -10.54 37.09 -3.88
O4 GU6 D . -10.77 35.68 -3.89
C5 GU6 D . -11.91 37.93 -3.74
O5 GU6 D . -11.64 39.39 -3.78
C6 GU6 D . -12.66 37.59 -2.42
O6 GU6 D . -11.72 37.81 -1.37
S6 GU6 D . -12.15 37.57 0.14
O13 GU6 D . -8.99 41.40 -7.57
O14 GU6 D . -6.98 40.52 -6.69
O15 GU6 D . -8.42 41.57 -5.15
O16 GU6 D . -7.27 35.37 -6.42
O17 GU6 D . -9.59 34.92 -6.63
O18 GU6 D . -8.54 36.71 -7.81
O19 GU6 D . -11.21 36.58 0.56
O20 GU6 D . -13.58 37.13 0.16
O21 GU6 D . -11.86 38.83 0.70
O4 U9M D . -9.49 31.49 -0.29
C4 U9M D . -9.84 32.34 -1.48
C5 U9M D . -8.85 33.67 -1.57
O5 U9M D . -9.20 34.48 -2.71
C6 U9M D . -7.29 33.31 -1.72
O6 U9M D . -6.85 32.62 -2.72
O6B U9M D . -6.43 33.71 -0.83
C3 U9M D . -11.41 32.90 -1.40
O3 U9M D . -12.45 31.81 -1.31
C3M U9M D . -12.84 30.97 -2.47
C2 U9M D . -11.64 33.79 -2.71
O2 U9M D . -12.94 34.33 -2.76
C2M U9M D . -13.50 34.17 -4.09
C1 U9M D . -10.55 34.92 -2.75
O4 U9G D . -5.28 29.87 1.60
C4 U9G D . -6.71 29.43 1.08
C5 U9G D . -6.86 30.01 -0.40
O5 U9G D . -8.18 29.58 -0.94
C6 U9G D . -5.67 29.46 -1.15
O6 U9G D . -6.24 28.68 -2.15
S37 U9G D . -5.40 27.89 -3.17
O38 U9G D . -5.81 26.57 -2.86
O39 U9G D . -4.02 28.14 -2.90
O3A U9G D . -5.86 28.31 -4.41
C3 U9G D . -8.01 29.98 1.91
O3 U9G D . -7.90 29.46 3.27
C3D U9G D . -8.90 29.78 4.29
C2 U9G D . -9.40 29.44 1.14
O2 U9G D . -10.66 29.82 1.75
C3G U9G D . -10.93 31.40 2.10
C1 U9G D . -9.42 30.01 -0.35
C6 GU8 D . -5.42 29.15 6.39
C5 GU8 D . -4.85 28.68 5.01
O5 GU8 D . -5.26 29.48 3.81
C1 GU8 D . -4.72 28.89 2.46
C2 GU8 D . -3.31 29.66 2.44
O2 GU8 D . -2.47 29.37 1.30
C7 GU8 D . -2.31 30.51 0.14
C3 GU8 D . -2.42 29.04 3.78
O3 GU8 D . -1.08 29.62 3.91
C8 GU8 D . 0.25 28.63 3.68
C4 GU8 D . -3.29 29.29 5.08
O4 GU8 D . -2.20 28.70 5.94
C4 U9D D . -1.86 28.72 10.32
C5 U9D D . -3.30 28.83 9.62
O5 U9D D . -3.22 29.70 8.40
C6 U9D D . -4.36 29.41 10.58
C3 U9D D . -0.85 28.17 9.31
O3 U9D D . 0.41 28.06 9.91
C3M U9D D . 1.25 26.72 9.57
C2 U9D D . -0.82 29.12 8.03
O2 U9D D . 0.08 28.67 7.09
C2M U9D D . 1.46 29.38 6.94
C1 U9D D . -2.24 29.22 7.39
C1 NAG E . 11.41 21.12 -0.76
C2 NAG E . 12.55 20.12 -0.50
C3 NAG E . 13.82 20.93 0.00
C4 NAG E . 14.35 22.03 -1.03
C5 NAG E . 13.08 22.86 -1.69
C6 NAG E . 13.32 23.54 -3.08
C7 NAG E . 12.30 17.79 0.53
C8 NAG E . 12.90 17.03 -0.70
N2 NAG E . 12.18 19.16 0.57
O3 NAG E . 14.90 20.01 0.26
O4 NAG E . 15.22 22.91 -0.24
O5 NAG E . 11.92 21.96 -1.86
O6 NAG E . 12.37 23.09 -4.09
O7 NAG E . 11.95 17.09 1.48
C1 NAG F . 2.39 44.13 -22.49
C2 NAG F . 1.85 44.20 -23.99
C3 NAG F . 0.70 45.24 -24.06
C4 NAG F . -0.56 44.89 -23.06
C5 NAG F . 0.10 44.76 -21.56
C6 NAG F . -0.83 44.20 -20.50
C7 NAG F . 3.85 45.61 -24.94
C8 NAG F . 4.98 45.74 -25.99
N2 NAG F . 3.00 44.53 -24.91
O3 NAG F . 0.21 45.34 -25.45
O4 NAG F . -1.43 46.09 -23.14
O5 NAG F . 1.28 43.85 -21.57
O6 NAG F . -1.16 45.21 -19.53
O7 NAG F . 3.76 46.53 -24.13
C1 NAG G . -21.06 -7.55 16.45
C2 NAG G . -21.39 -6.02 16.59
C3 NAG G . -22.86 -5.89 17.21
C4 NAG G . -24.01 -6.59 16.34
C5 NAG G . -23.53 -8.06 15.80
C6 NAG G . -24.25 -8.62 14.53
C7 NAG G . -19.26 -4.70 17.15
C8 NAG G . -18.78 -4.53 15.68
N2 NAG G . -20.42 -5.37 17.49
O3 NAG G . -23.19 -4.49 17.34
O4 NAG G . -25.18 -6.69 17.23
O5 NAG G . -22.07 -8.04 15.49
O6 NAG G . -23.33 -8.95 13.44
O7 NAG G . -18.55 -4.19 18.01
O1 GU4 H . 5.00 -9.90 36.26
C1 GU4 H . 5.33 -11.26 35.97
O5 GU4 H . 4.29 -11.90 35.09
C5 GU4 H . 4.60 -12.34 33.73
C6 GU4 H . 4.10 -13.81 33.40
O6 GU4 H . 3.96 -14.58 34.62
C4 GU4 H . 6.17 -12.59 33.65
O4 GU4 H . 6.39 -12.91 32.25
S4 GU4 H . 7.12 -14.03 31.91
C3 GU4 H . 7.18 -11.45 34.01
O3 GU4 H . 8.21 -12.39 33.80
C2 GU4 H . 6.88 -11.25 35.52
O2 GU4 H . 7.60 -10.36 36.33
#